data_6AR5
# 
_entry.id   6AR5 
# 
_audit_conform.dict_name       mmcif_pdbx.dic 
_audit_conform.dict_version    5.387 
_audit_conform.dict_location   http://mmcif.pdb.org/dictionaries/ascii/mmcif_pdbx.dic 
# 
loop_
_database_2.database_id 
_database_2.database_code 
_database_2.pdbx_database_accession 
_database_2.pdbx_DOI 
PDB   6AR5         pdb_00006ar5 10.2210/pdb6ar5/pdb 
WWPDB D_1000229703 ?            ?                   
# 
loop_
_pdbx_audit_revision_history.ordinal 
_pdbx_audit_revision_history.data_content_type 
_pdbx_audit_revision_history.major_revision 
_pdbx_audit_revision_history.minor_revision 
_pdbx_audit_revision_history.revision_date 
1 'Structure model' 1 0 2017-11-29 
2 'Structure model' 1 1 2017-12-20 
3 'Structure model' 1 2 2024-03-13 
# 
_pdbx_audit_revision_details.ordinal             1 
_pdbx_audit_revision_details.revision_ordinal    1 
_pdbx_audit_revision_details.data_content_type   'Structure model' 
_pdbx_audit_revision_details.provider            repository 
_pdbx_audit_revision_details.type                'Initial release' 
_pdbx_audit_revision_details.description         ? 
_pdbx_audit_revision_details.details             ? 
# 
loop_
_pdbx_audit_revision_group.ordinal 
_pdbx_audit_revision_group.revision_ordinal 
_pdbx_audit_revision_group.data_content_type 
_pdbx_audit_revision_group.group 
1 2 'Structure model' 'Database references' 
2 3 'Structure model' 'Data collection'     
3 3 'Structure model' 'Database references' 
# 
loop_
_pdbx_audit_revision_category.ordinal 
_pdbx_audit_revision_category.revision_ordinal 
_pdbx_audit_revision_category.data_content_type 
_pdbx_audit_revision_category.category 
1 2 'Structure model' citation       
2 3 'Structure model' chem_comp_atom 
3 3 'Structure model' chem_comp_bond 
4 3 'Structure model' database_2     
# 
loop_
_pdbx_audit_revision_item.ordinal 
_pdbx_audit_revision_item.revision_ordinal 
_pdbx_audit_revision_item.data_content_type 
_pdbx_audit_revision_item.item 
1 2 'Structure model' '_citation.journal_volume'            
2 2 'Structure model' '_citation.page_first'                
3 2 'Structure model' '_citation.page_last'                 
4 3 'Structure model' '_database_2.pdbx_DOI'                
5 3 'Structure model' '_database_2.pdbx_database_accession' 
# 
_pdbx_database_status.status_code                     REL 
_pdbx_database_status.status_code_sf                  REL 
_pdbx_database_status.status_code_mr                  ? 
_pdbx_database_status.entry_id                        6AR5 
_pdbx_database_status.recvd_initial_deposition_date   2017-08-21 
_pdbx_database_status.SG_entry                        N 
_pdbx_database_status.deposit_site                    RCSB 
_pdbx_database_status.process_site                    RCSB 
_pdbx_database_status.status_code_cs                  ? 
_pdbx_database_status.methods_development_category    ? 
_pdbx_database_status.pdb_format_compatible           Y 
_pdbx_database_status.status_code_nmr_data            ? 
# 
loop_
_pdbx_database_related.db_name 
_pdbx_database_related.details 
_pdbx_database_related.db_id 
_pdbx_database_related.content_type 
PDB Native 6AR1 unspecified 
PDB Se-Met 6AR3 unspecified 
# 
loop_
_audit_author.name 
_audit_author.pdbx_ordinal 
_audit_author.identifier_ORCID 
'Stamos, J.L.'    1 ? 
'Lentzsch, A.M.'  2 ? 
'Lambowitz, A.M.' 3 ? 
# 
_citation.abstract                  ? 
_citation.abstract_id_CAS           ? 
_citation.book_id_ISBN              ? 
_citation.book_publisher            ? 
_citation.book_publisher_city       ? 
_citation.book_title                ? 
_citation.coordinate_linkage        ? 
_citation.country                   US 
_citation.database_id_Medline       ? 
_citation.details                   ? 
_citation.id                        primary 
_citation.journal_abbrev            'Mol. Cell' 
_citation.journal_id_ASTM           MOCEFL 
_citation.journal_id_CSD            2168 
_citation.journal_id_ISSN           1097-4164 
_citation.journal_full              ? 
_citation.journal_issue             ? 
_citation.journal_volume            68 
_citation.language                  ? 
_citation.page_first                926 
_citation.page_last                 939.e4 
_citation.title                     
;Structure of a Thermostable Group II Intron Reverse Transcriptase with Template-Primer and Its Functional and Evolutionary Implications.
;
_citation.year                      2017 
_citation.database_id_CSD           ? 
_citation.pdbx_database_id_DOI      10.1016/j.molcel.2017.10.024 
_citation.pdbx_database_id_PubMed   29153391 
_citation.unpublished_flag          ? 
# 
loop_
_citation_author.citation_id 
_citation_author.name 
_citation_author.ordinal 
_citation_author.identifier_ORCID 
primary 'Stamos, J.L.'    1 ? 
primary 'Lentzsch, A.M.'  2 ? 
primary 'Lambowitz, A.M.' 3 ? 
# 
loop_
_entity.id 
_entity.type 
_entity.src_method 
_entity.pdbx_description 
_entity.formula_weight 
_entity.pdbx_number_of_molecules 
_entity.pdbx_ec 
_entity.pdbx_mutation 
_entity.pdbx_fragment 
_entity.details 
1 polymer syn DNA   3936.574 1  ? ? ? ? 
2 polymer syn RNA   4479.691 1  ? ? ? ? 
3 water   nat water 18.015   21 ? ? ? ? 
# 
loop_
_entity_poly.entity_id 
_entity_poly.type 
_entity_poly.nstd_linkage 
_entity_poly.nstd_monomer 
_entity_poly.pdbx_seq_one_letter_code 
_entity_poly.pdbx_seq_one_letter_code_can 
_entity_poly.pdbx_strand_id 
_entity_poly.pdbx_target_identifier 
1 polydeoxyribonucleotide no no '(DG)(DT)(DC)(DT)(DC)(DC)(DA)(DG)(DG)(DC)(DA)(DA)(DC)' GTCTCCAGGCAAC  A ? 
2 polyribonucleotide      no no UGUUGCCUGGAGAC                                         UGUUGCCUGGAGAC B ? 
# 
_pdbx_entity_nonpoly.entity_id   3 
_pdbx_entity_nonpoly.name        water 
_pdbx_entity_nonpoly.comp_id     HOH 
# 
loop_
_entity_poly_seq.entity_id 
_entity_poly_seq.num 
_entity_poly_seq.mon_id 
_entity_poly_seq.hetero 
1 1  DG n 
1 2  DT n 
1 3  DC n 
1 4  DT n 
1 5  DC n 
1 6  DC n 
1 7  DA n 
1 8  DG n 
1 9  DG n 
1 10 DC n 
1 11 DA n 
1 12 DA n 
1 13 DC n 
2 1  U  n 
2 2  G  n 
2 3  U  n 
2 4  U  n 
2 5  G  n 
2 6  C  n 
2 7  C  n 
2 8  U  n 
2 9  G  n 
2 10 G  n 
2 11 A  n 
2 12 G  n 
2 13 A  n 
2 14 C  n 
# 
loop_
_pdbx_entity_src_syn.entity_id 
_pdbx_entity_src_syn.pdbx_src_id 
_pdbx_entity_src_syn.pdbx_alt_source_flag 
_pdbx_entity_src_syn.pdbx_beg_seq_num 
_pdbx_entity_src_syn.pdbx_end_seq_num 
_pdbx_entity_src_syn.organism_scientific 
_pdbx_entity_src_syn.organism_common_name 
_pdbx_entity_src_syn.ncbi_taxonomy_id 
_pdbx_entity_src_syn.details 
1 1 sample 1 13 'synthetic construct' ? 32630 ? 
2 1 sample 1 14 'synthetic construct' ? 32630 ? 
# 
loop_
_chem_comp.id 
_chem_comp.type 
_chem_comp.mon_nstd_flag 
_chem_comp.name 
_chem_comp.pdbx_synonyms 
_chem_comp.formula 
_chem_comp.formula_weight 
A   'RNA linking' y "ADENOSINE-5'-MONOPHOSPHATE"         ? 'C10 H14 N5 O7 P' 347.221 
C   'RNA linking' y "CYTIDINE-5'-MONOPHOSPHATE"          ? 'C9 H14 N3 O8 P'  323.197 
DA  'DNA linking' y "2'-DEOXYADENOSINE-5'-MONOPHOSPHATE" ? 'C10 H14 N5 O6 P' 331.222 
DC  'DNA linking' y "2'-DEOXYCYTIDINE-5'-MONOPHOSPHATE"  ? 'C9 H14 N3 O7 P'  307.197 
DG  'DNA linking' y "2'-DEOXYGUANOSINE-5'-MONOPHOSPHATE" ? 'C10 H14 N5 O7 P' 347.221 
DT  'DNA linking' y "THYMIDINE-5'-MONOPHOSPHATE"         ? 'C10 H15 N2 O8 P' 322.208 
G   'RNA linking' y "GUANOSINE-5'-MONOPHOSPHATE"         ? 'C10 H14 N5 O8 P' 363.221 
HOH non-polymer   . WATER                                ? 'H2 O'            18.015  
U   'RNA linking' y "URIDINE-5'-MONOPHOSPHATE"           ? 'C9 H13 N2 O9 P'  324.181 
# 
loop_
_pdbx_poly_seq_scheme.asym_id 
_pdbx_poly_seq_scheme.entity_id 
_pdbx_poly_seq_scheme.seq_id 
_pdbx_poly_seq_scheme.mon_id 
_pdbx_poly_seq_scheme.ndb_seq_num 
_pdbx_poly_seq_scheme.pdb_seq_num 
_pdbx_poly_seq_scheme.auth_seq_num 
_pdbx_poly_seq_scheme.pdb_mon_id 
_pdbx_poly_seq_scheme.auth_mon_id 
_pdbx_poly_seq_scheme.pdb_strand_id 
_pdbx_poly_seq_scheme.pdb_ins_code 
_pdbx_poly_seq_scheme.hetero 
A 1 1  DG 1  1  1  DG DG A . n 
A 1 2  DT 2  2  2  DT DT A . n 
A 1 3  DC 3  3  3  DC DC A . n 
A 1 4  DT 4  4  4  DT DT A . n 
A 1 5  DC 5  5  5  DC DC A . n 
A 1 6  DC 6  6  6  DC DC A . n 
A 1 7  DA 7  7  7  DA DA A . n 
A 1 8  DG 8  8  8  DG DG A . n 
A 1 9  DG 9  9  9  DG DG A . n 
A 1 10 DC 10 10 10 DC DC A . n 
A 1 11 DA 11 11 11 DA DA A . n 
A 1 12 DA 12 12 12 DA DA A . n 
A 1 13 DC 13 13 13 DC DC A . n 
B 2 1  U  1  1  1  U  U  B . n 
B 2 2  G  2  2  2  G  G  B . n 
B 2 3  U  3  3  3  U  U  B . n 
B 2 4  U  4  4  4  U  U  B . n 
B 2 5  G  5  5  5  G  G  B . n 
B 2 6  C  6  6  6  C  C  B . n 
B 2 7  C  7  7  7  C  C  B . n 
B 2 8  U  8  8  8  U  U  B . n 
B 2 9  G  9  9  9  G  G  B . n 
B 2 10 G  10 10 10 G  G  B . n 
B 2 11 A  11 11 11 A  A  B . n 
B 2 12 G  12 12 12 G  G  B . n 
B 2 13 A  13 13 13 A  A  B . n 
B 2 14 C  14 14 14 C  C  B . n 
# 
loop_
_pdbx_nonpoly_scheme.asym_id 
_pdbx_nonpoly_scheme.entity_id 
_pdbx_nonpoly_scheme.mon_id 
_pdbx_nonpoly_scheme.ndb_seq_num 
_pdbx_nonpoly_scheme.pdb_seq_num 
_pdbx_nonpoly_scheme.auth_seq_num 
_pdbx_nonpoly_scheme.pdb_mon_id 
_pdbx_nonpoly_scheme.auth_mon_id 
_pdbx_nonpoly_scheme.pdb_strand_id 
_pdbx_nonpoly_scheme.pdb_ins_code 
C 3 HOH 1  101 9  HOH HOH A . 
C 3 HOH 2  102 2  HOH HOH A . 
C 3 HOH 3  103 12 HOH HOH A . 
C 3 HOH 4  104 21 HOH HOH A . 
D 3 HOH 1  101 5  HOH HOH B . 
D 3 HOH 2  102 1  HOH HOH B . 
D 3 HOH 3  103 15 HOH HOH B . 
D 3 HOH 4  104 10 HOH HOH B . 
D 3 HOH 5  105 18 HOH HOH B . 
D 3 HOH 6  106 20 HOH HOH B . 
D 3 HOH 7  107 6  HOH HOH B . 
D 3 HOH 8  108 3  HOH HOH B . 
D 3 HOH 9  109 8  HOH HOH B . 
D 3 HOH 10 110 4  HOH HOH B . 
D 3 HOH 11 111 7  HOH HOH B . 
D 3 HOH 12 112 13 HOH HOH B . 
D 3 HOH 13 113 14 HOH HOH B . 
D 3 HOH 14 114 11 HOH HOH B . 
D 3 HOH 15 115 16 HOH HOH B . 
D 3 HOH 16 116 17 HOH HOH B . 
D 3 HOH 17 117 19 HOH HOH B . 
# 
_pdbx_unobs_or_zero_occ_atoms.id               1 
_pdbx_unobs_or_zero_occ_atoms.PDB_model_num    1 
_pdbx_unobs_or_zero_occ_atoms.polymer_flag     Y 
_pdbx_unobs_or_zero_occ_atoms.occupancy_flag   1 
_pdbx_unobs_or_zero_occ_atoms.auth_asym_id     A 
_pdbx_unobs_or_zero_occ_atoms.auth_comp_id     DC 
_pdbx_unobs_or_zero_occ_atoms.auth_seq_id      13 
_pdbx_unobs_or_zero_occ_atoms.PDB_ins_code     ? 
_pdbx_unobs_or_zero_occ_atoms.auth_atom_id     "O3'" 
_pdbx_unobs_or_zero_occ_atoms.label_alt_id     ? 
_pdbx_unobs_or_zero_occ_atoms.label_asym_id    A 
_pdbx_unobs_or_zero_occ_atoms.label_comp_id    DC 
_pdbx_unobs_or_zero_occ_atoms.label_seq_id     13 
_pdbx_unobs_or_zero_occ_atoms.label_atom_id    "O3'" 
# 
loop_
_software.citation_id 
_software.classification 
_software.compiler_name 
_software.compiler_version 
_software.contact_author 
_software.contact_author_email 
_software.date 
_software.description 
_software.dependencies 
_software.hardware 
_software.language 
_software.location 
_software.mods 
_software.name 
_software.os 
_software.os_version 
_software.type 
_software.version 
_software.pdbx_ordinal 
? 'data scaling'    ? ? ? ? ? ? ? ? ? ? ? Aimless     ? ? ? 0.5.31        1 
? refinement        ? ? ? ? ? ? ? ? ? ? ? PHENIX      ? ? ? 1.11.1        2 
? 'data extraction' ? ? ? ? ? ? ? ? ? ? ? PDB_EXTRACT ? ? ? 3.22          3 
? 'data reduction'  ? ? ? ? ? ? ? ? ? ? ? XDS         ? ? ? 'May 1, 2016' 4 
? phasing           ? ? ? ? ? ? ? ? ? ? ? PHASER      ? ? ? 2.7.16        5 
# 
_cell.angle_alpha                  90.000 
_cell.angle_alpha_esd              ? 
_cell.angle_beta                   90.000 
_cell.angle_beta_esd               ? 
_cell.angle_gamma                  120.000 
_cell.angle_gamma_esd              ? 
_cell.entry_id                     6AR5 
_cell.details                      ? 
_cell.formula_units_Z              ? 
_cell.length_a                     46.428 
_cell.length_a_esd                 ? 
_cell.length_b                     46.428 
_cell.length_b_esd                 ? 
_cell.length_c                     82.195 
_cell.length_c_esd                 ? 
_cell.volume                       ? 
_cell.volume_esd                   ? 
_cell.Z_PDB                        6 
_cell.reciprocal_angle_alpha       ? 
_cell.reciprocal_angle_beta        ? 
_cell.reciprocal_angle_gamma       ? 
_cell.reciprocal_angle_alpha_esd   ? 
_cell.reciprocal_angle_beta_esd    ? 
_cell.reciprocal_angle_gamma_esd   ? 
_cell.reciprocal_length_a          ? 
_cell.reciprocal_length_b          ? 
_cell.reciprocal_length_c          ? 
_cell.reciprocal_length_a_esd      ? 
_cell.reciprocal_length_b_esd      ? 
_cell.reciprocal_length_c_esd      ? 
_cell.pdbx_unique_axis             ? 
# 
_symmetry.entry_id                         6AR5 
_symmetry.cell_setting                     ? 
_symmetry.Int_Tables_number                152 
_symmetry.space_group_name_Hall            ? 
_symmetry.space_group_name_H-M             'P 31 2 1' 
_symmetry.pdbx_full_space_group_name_H-M   ? 
# 
_exptl.absorpt_coefficient_mu     ? 
_exptl.absorpt_correction_T_max   ? 
_exptl.absorpt_correction_T_min   ? 
_exptl.absorpt_correction_type    ? 
_exptl.absorpt_process_details    ? 
_exptl.entry_id                   6AR5 
_exptl.crystals_number            1 
_exptl.details                    ? 
_exptl.method                     'X-RAY DIFFRACTION' 
_exptl.method_details             ? 
# 
_exptl_crystal.colour                      ? 
_exptl_crystal.density_diffrn              ? 
_exptl_crystal.density_Matthews            3.04 
_exptl_crystal.density_method              ? 
_exptl_crystal.density_percent_sol         59.52 
_exptl_crystal.description                 ? 
_exptl_crystal.F_000                       ? 
_exptl_crystal.id                          1 
_exptl_crystal.preparation                 ? 
_exptl_crystal.size_max                    ? 
_exptl_crystal.size_mid                    ? 
_exptl_crystal.size_min                    ? 
_exptl_crystal.size_rad                    ? 
_exptl_crystal.colour_lustre               ? 
_exptl_crystal.colour_modifier             ? 
_exptl_crystal.colour_primary              ? 
_exptl_crystal.density_meas                ? 
_exptl_crystal.density_meas_esd            ? 
_exptl_crystal.density_meas_gt             ? 
_exptl_crystal.density_meas_lt             ? 
_exptl_crystal.density_meas_temp           ? 
_exptl_crystal.density_meas_temp_esd       ? 
_exptl_crystal.density_meas_temp_gt        ? 
_exptl_crystal.density_meas_temp_lt        ? 
_exptl_crystal.pdbx_crystal_image_url      ? 
_exptl_crystal.pdbx_crystal_image_format   ? 
_exptl_crystal.pdbx_mosaicity              ? 
_exptl_crystal.pdbx_mosaicity_esd          ? 
# 
_exptl_crystal_grow.apparatus       ? 
_exptl_crystal_grow.atmosphere      ? 
_exptl_crystal_grow.crystal_id      1 
_exptl_crystal_grow.details         ? 
_exptl_crystal_grow.method          'VAPOR DIFFUSION, HANGING DROP' 
_exptl_crystal_grow.method_ref      ? 
_exptl_crystal_grow.pH              ? 
_exptl_crystal_grow.pressure        ? 
_exptl_crystal_grow.pressure_esd    ? 
_exptl_crystal_grow.seeding         ? 
_exptl_crystal_grow.seeding_ref     ? 
_exptl_crystal_grow.temp            293 
_exptl_crystal_grow.temp_details    ? 
_exptl_crystal_grow.temp_esd        ? 
_exptl_crystal_grow.time            ? 
_exptl_crystal_grow.pdbx_details    'sodium malonate, ammonium citrate tribasic' 
_exptl_crystal_grow.pdbx_pH_range   ? 
# 
_diffrn.ambient_environment    ? 
_diffrn.ambient_temp           100 
_diffrn.ambient_temp_details   ? 
_diffrn.ambient_temp_esd       ? 
_diffrn.crystal_id             1 
_diffrn.crystal_support        ? 
_diffrn.crystal_treatment      ? 
_diffrn.details                ? 
_diffrn.id                     1 
_diffrn.ambient_pressure       ? 
_diffrn.ambient_pressure_esd   ? 
_diffrn.ambient_pressure_gt    ? 
_diffrn.ambient_pressure_lt    ? 
_diffrn.ambient_temp_gt        ? 
_diffrn.ambient_temp_lt        ? 
# 
_diffrn_detector.details                      ? 
_diffrn_detector.detector                     CCD 
_diffrn_detector.diffrn_id                    1 
_diffrn_detector.type                         'ADSC QUANTUM 315r' 
_diffrn_detector.area_resol_mean              ? 
_diffrn_detector.dtime                        ? 
_diffrn_detector.pdbx_frames_total            ? 
_diffrn_detector.pdbx_collection_time_total   ? 
_diffrn_detector.pdbx_collection_date         2017-04-01 
# 
_diffrn_radiation.collimation                      ? 
_diffrn_radiation.diffrn_id                        1 
_diffrn_radiation.filter_edge                      ? 
_diffrn_radiation.inhomogeneity                    ? 
_diffrn_radiation.monochromator                    ? 
_diffrn_radiation.polarisn_norm                    ? 
_diffrn_radiation.polarisn_ratio                   ? 
_diffrn_radiation.probe                            ? 
_diffrn_radiation.type                             ? 
_diffrn_radiation.xray_symbol                      ? 
_diffrn_radiation.wavelength_id                    1 
_diffrn_radiation.pdbx_monochromatic_or_laue_m_l   M 
_diffrn_radiation.pdbx_wavelength_list             ? 
_diffrn_radiation.pdbx_wavelength                  ? 
_diffrn_radiation.pdbx_diffrn_protocol             'SINGLE WAVELENGTH' 
_diffrn_radiation.pdbx_analyzer                    ? 
_diffrn_radiation.pdbx_scattering_type             x-ray 
# 
_diffrn_radiation_wavelength.id           1 
_diffrn_radiation_wavelength.wavelength   0.9765 
_diffrn_radiation_wavelength.wt           1.0 
# 
_diffrn_source.current                     ? 
_diffrn_source.details                     ? 
_diffrn_source.diffrn_id                   1 
_diffrn_source.power                       ? 
_diffrn_source.size                        ? 
_diffrn_source.source                      SYNCHROTRON 
_diffrn_source.target                      ? 
_diffrn_source.type                        'ALS BEAMLINE 5.0.3' 
_diffrn_source.voltage                     ? 
_diffrn_source.take-off_angle              ? 
_diffrn_source.pdbx_wavelength_list        0.9765 
_diffrn_source.pdbx_wavelength             ? 
_diffrn_source.pdbx_synchrotron_beamline   5.0.3 
_diffrn_source.pdbx_synchrotron_site       ALS 
# 
_reflns.B_iso_Wilson_estimate            ? 
_reflns.entry_id                         6AR5 
_reflns.data_reduction_details           ? 
_reflns.data_reduction_method            ? 
_reflns.d_resolution_high                2.410 
_reflns.d_resolution_low                 36.118 
_reflns.details                          ? 
_reflns.limit_h_max                      ? 
_reflns.limit_h_min                      ? 
_reflns.limit_k_max                      ? 
_reflns.limit_k_min                      ? 
_reflns.limit_l_max                      ? 
_reflns.limit_l_min                      ? 
_reflns.number_all                       ? 
_reflns.number_obs                       4275 
_reflns.observed_criterion               ? 
_reflns.observed_criterion_F_max         ? 
_reflns.observed_criterion_F_min         ? 
_reflns.observed_criterion_I_max         ? 
_reflns.observed_criterion_I_min         ? 
_reflns.observed_criterion_sigma_F       ? 
_reflns.observed_criterion_sigma_I       ? 
_reflns.percent_possible_obs             100.000 
_reflns.R_free_details                   ? 
_reflns.Rmerge_F_all                     ? 
_reflns.Rmerge_F_obs                     ? 
_reflns.Friedel_coverage                 ? 
_reflns.number_gt                        ? 
_reflns.threshold_expression             ? 
_reflns.pdbx_redundancy                  20.700 
_reflns.pdbx_Rmerge_I_obs                0.053 
_reflns.pdbx_Rmerge_I_all                ? 
_reflns.pdbx_Rsym_value                  ? 
_reflns.pdbx_netI_over_av_sigmaI         ? 
_reflns.pdbx_netI_over_sigmaI            48.000 
_reflns.pdbx_res_netI_over_av_sigmaI_2   ? 
_reflns.pdbx_res_netI_over_sigmaI_2      ? 
_reflns.pdbx_chi_squared                 ? 
_reflns.pdbx_scaling_rejects             0 
_reflns.pdbx_d_res_high_opt              ? 
_reflns.pdbx_d_res_low_opt               ? 
_reflns.pdbx_d_res_opt_method            ? 
_reflns.phase_calculation_details        ? 
_reflns.pdbx_Rrim_I_all                  0.055 
_reflns.pdbx_Rpim_I_all                  0.012 
_reflns.pdbx_d_opt                       ? 
_reflns.pdbx_number_measured_all         88698 
_reflns.pdbx_diffrn_id                   1 
_reflns.pdbx_ordinal                     1 
_reflns.pdbx_CC_half                     1.000 
_reflns.pdbx_R_split                     ? 
# 
loop_
_reflns_shell.d_res_high 
_reflns_shell.d_res_low 
_reflns_shell.meanI_over_sigI_all 
_reflns_shell.meanI_over_sigI_obs 
_reflns_shell.number_measured_all 
_reflns_shell.number_measured_obs 
_reflns_shell.number_possible 
_reflns_shell.number_unique_all 
_reflns_shell.number_unique_obs 
_reflns_shell.percent_possible_all 
_reflns_shell.percent_possible_obs 
_reflns_shell.Rmerge_F_all 
_reflns_shell.Rmerge_F_obs 
_reflns_shell.Rmerge_I_all 
_reflns_shell.Rmerge_I_obs 
_reflns_shell.meanI_over_sigI_gt 
_reflns_shell.meanI_over_uI_all 
_reflns_shell.meanI_over_uI_gt 
_reflns_shell.number_measured_gt 
_reflns_shell.number_unique_gt 
_reflns_shell.percent_possible_gt 
_reflns_shell.Rmerge_F_gt 
_reflns_shell.Rmerge_I_gt 
_reflns_shell.pdbx_redundancy 
_reflns_shell.pdbx_Rsym_value 
_reflns_shell.pdbx_chi_squared 
_reflns_shell.pdbx_netI_over_sigmaI_all 
_reflns_shell.pdbx_netI_over_sigmaI_obs 
_reflns_shell.pdbx_Rrim_I_all 
_reflns_shell.pdbx_Rpim_I_all 
_reflns_shell.pdbx_rejects 
_reflns_shell.pdbx_ordinal 
_reflns_shell.pdbx_diffrn_id 
_reflns_shell.pdbx_CC_half 
_reflns_shell.pdbx_R_split 
2.410 2.500  ? ? ? ? ? ? 436 100.000 ? ? ? ? 0.531 ? ? ? ? ? ? ? ? 21.300 ? ? ? ? 0.544 0.117 ? 1 1 0.983 ? 
9.020 41.100 ? ? ? ? ? ? 106 98.800  ? ? ? ? 0.021 ? ? ? ? ? ? ? ? 16.000 ? ? ? ? 0.022 0.006 ? 2 1 1.000 ? 
# 
_refine.aniso_B[1][1]                            ? 
_refine.aniso_B[1][2]                            ? 
_refine.aniso_B[1][3]                            ? 
_refine.aniso_B[2][2]                            ? 
_refine.aniso_B[2][3]                            ? 
_refine.aniso_B[3][3]                            ? 
_refine.B_iso_max                                69.710 
_refine.B_iso_mean                               39.8353 
_refine.B_iso_min                                28.640 
_refine.correlation_coeff_Fo_to_Fc               ? 
_refine.correlation_coeff_Fo_to_Fc_free          ? 
_refine.details                                  ? 
_refine.diff_density_max                         ? 
_refine.diff_density_max_esd                     ? 
_refine.diff_density_min                         ? 
_refine.diff_density_min_esd                     ? 
_refine.diff_density_rms                         ? 
_refine.diff_density_rms_esd                     ? 
_refine.entry_id                                 6AR5 
_refine.pdbx_refine_id                           'X-RAY DIFFRACTION' 
_refine.ls_abs_structure_details                 ? 
_refine.ls_abs_structure_Flack                   ? 
_refine.ls_abs_structure_Flack_esd               ? 
_refine.ls_abs_structure_Rogers                  ? 
_refine.ls_abs_structure_Rogers_esd              ? 
_refine.ls_d_res_high                            2.4130 
_refine.ls_d_res_low                             36.1180 
_refine.ls_extinction_coef                       ? 
_refine.ls_extinction_coef_esd                   ? 
_refine.ls_extinction_expression                 ? 
_refine.ls_extinction_method                     ? 
_refine.ls_goodness_of_fit_all                   ? 
_refine.ls_goodness_of_fit_all_esd               ? 
_refine.ls_goodness_of_fit_obs                   ? 
_refine.ls_goodness_of_fit_obs_esd               ? 
_refine.ls_hydrogen_treatment                    ? 
_refine.ls_matrix_type                           ? 
_refine.ls_number_constraints                    ? 
_refine.ls_number_parameters                     ? 
_refine.ls_number_reflns_all                     ? 
_refine.ls_number_reflns_obs                     4250 
_refine.ls_number_reflns_R_free                  212 
_refine.ls_number_reflns_R_work                  ? 
_refine.ls_number_restraints                     ? 
_refine.ls_percent_reflns_obs                    99.9800 
_refine.ls_percent_reflns_R_free                 4.9900 
_refine.ls_R_factor_all                          ? 
_refine.ls_R_factor_obs                          0.1870 
_refine.ls_R_factor_R_free                       0.2121 
_refine.ls_R_factor_R_free_error                 ? 
_refine.ls_R_factor_R_free_error_details         ? 
_refine.ls_R_factor_R_work                       0.1854 
_refine.ls_R_Fsqd_factor_obs                     ? 
_refine.ls_R_I_factor_obs                        ? 
_refine.ls_redundancy_reflns_all                 ? 
_refine.ls_redundancy_reflns_obs                 ? 
_refine.ls_restrained_S_all                      ? 
_refine.ls_restrained_S_obs                      ? 
_refine.ls_shift_over_esd_max                    ? 
_refine.ls_shift_over_esd_mean                   ? 
_refine.ls_structure_factor_coef                 ? 
_refine.ls_weighting_details                     ? 
_refine.ls_weighting_scheme                      ? 
_refine.ls_wR_factor_all                         ? 
_refine.ls_wR_factor_obs                         ? 
_refine.ls_wR_factor_R_free                      ? 
_refine.ls_wR_factor_R_work                      ? 
_refine.occupancy_max                            ? 
_refine.occupancy_min                            ? 
_refine.solvent_model_details                    ? 
_refine.solvent_model_param_bsol                 ? 
_refine.solvent_model_param_ksol                 ? 
_refine.ls_R_factor_gt                           ? 
_refine.ls_goodness_of_fit_gt                    ? 
_refine.ls_goodness_of_fit_ref                   ? 
_refine.ls_shift_over_su_max                     ? 
_refine.ls_shift_over_su_max_lt                  ? 
_refine.ls_shift_over_su_mean                    ? 
_refine.ls_shift_over_su_mean_lt                 ? 
_refine.pdbx_ls_sigma_I                          ? 
_refine.pdbx_ls_sigma_F                          1.390 
_refine.pdbx_ls_sigma_Fsqd                       ? 
_refine.pdbx_data_cutoff_high_absF               ? 
_refine.pdbx_data_cutoff_high_rms_absF           ? 
_refine.pdbx_data_cutoff_low_absF                ? 
_refine.pdbx_isotropic_thermal_model             ? 
_refine.pdbx_ls_cross_valid_method               'FREE R-VALUE' 
_refine.pdbx_method_to_determine_struct          'MOLECULAR REPLACEMENT' 
_refine.pdbx_starting_model                      ? 
_refine.pdbx_stereochemistry_target_values       ? 
_refine.pdbx_R_Free_selection_details            Random 
_refine.pdbx_stereochem_target_val_spec_case     ? 
_refine.pdbx_overall_ESU_R                       ? 
_refine.pdbx_overall_ESU_R_Free                  ? 
_refine.pdbx_solvent_vdw_probe_radii             1.1100 
_refine.pdbx_solvent_ion_probe_radii             ? 
_refine.pdbx_solvent_shrinkage_radii             0.9000 
_refine.pdbx_real_space_R                        ? 
_refine.pdbx_density_correlation                 ? 
_refine.pdbx_pd_number_of_powder_patterns        ? 
_refine.pdbx_pd_number_of_points                 ? 
_refine.pdbx_pd_meas_number_of_points            ? 
_refine.pdbx_pd_proc_ls_prof_R_factor            ? 
_refine.pdbx_pd_proc_ls_prof_wR_factor           ? 
_refine.pdbx_pd_Marquardt_correlation_coeff      ? 
_refine.pdbx_pd_Fsqrd_R_factor                   ? 
_refine.pdbx_pd_ls_matrix_band_width             ? 
_refine.pdbx_overall_phase_error                 18.9700 
_refine.pdbx_overall_SU_R_free_Cruickshank_DPI   ? 
_refine.pdbx_overall_SU_R_free_Blow_DPI          ? 
_refine.pdbx_overall_SU_R_Blow_DPI               ? 
_refine.pdbx_TLS_residual_ADP_flag               ? 
_refine.pdbx_diffrn_id                           1 
_refine.overall_SU_B                             ? 
_refine.overall_SU_ML                            0.3300 
_refine.overall_SU_R_Cruickshank_DPI             ? 
_refine.overall_SU_R_free                        ? 
_refine.overall_FOM_free_R_set                   ? 
_refine.overall_FOM_work_R_set                   ? 
_refine.pdbx_average_fsc_overall                 ? 
_refine.pdbx_average_fsc_work                    ? 
_refine.pdbx_average_fsc_free                    ? 
# 
_refine_hist.cycle_id                         final 
_refine_hist.pdbx_refine_id                   'X-RAY DIFFRACTION' 
_refine_hist.d_res_high                       2.4130 
_refine_hist.d_res_low                        36.1180 
_refine_hist.pdbx_number_atoms_ligand         0 
_refine_hist.number_atoms_solvent             21 
_refine_hist.number_atoms_total               577 
_refine_hist.pdbx_number_residues_total       27 
_refine_hist.pdbx_B_iso_mean_solvent          38.65 
_refine_hist.pdbx_number_atoms_protein        0 
_refine_hist.pdbx_number_atoms_nucleic_acid   556 
# 
loop_
_refine_ls_restr.pdbx_refine_id 
_refine_ls_restr.criterion 
_refine_ls_restr.dev_ideal 
_refine_ls_restr.dev_ideal_target 
_refine_ls_restr.number 
_refine_ls_restr.rejects 
_refine_ls_restr.type 
_refine_ls_restr.weight 
_refine_ls_restr.pdbx_restraint_function 
'X-RAY DIFFRACTION' ? 0.007  ? 621 ? f_bond_d           ? ? 
'X-RAY DIFFRACTION' ? 0.948  ? 959 ? f_angle_d          ? ? 
'X-RAY DIFFRACTION' ? 0.035  ? 119 ? f_chiral_restr     ? ? 
'X-RAY DIFFRACTION' ? 0.006  ? 27  ? f_plane_restr      ? ? 
'X-RAY DIFFRACTION' ? 10.047 ? 289 ? f_dihedral_angle_d ? ? 
# 
loop_
_refine_ls_shell.pdbx_refine_id 
_refine_ls_shell.d_res_high 
_refine_ls_shell.d_res_low 
_refine_ls_shell.number_reflns_all 
_refine_ls_shell.number_reflns_obs 
_refine_ls_shell.number_reflns_R_free 
_refine_ls_shell.number_reflns_R_work 
_refine_ls_shell.percent_reflns_obs 
_refine_ls_shell.percent_reflns_R_free 
_refine_ls_shell.R_factor_all 
_refine_ls_shell.R_factor_obs 
_refine_ls_shell.R_factor_R_free 
_refine_ls_shell.R_factor_R_free_error 
_refine_ls_shell.R_factor_R_work 
_refine_ls_shell.redundancy_reflns_all 
_refine_ls_shell.redundancy_reflns_obs 
_refine_ls_shell.wR_factor_all 
_refine_ls_shell.wR_factor_obs 
_refine_ls_shell.wR_factor_R_free 
_refine_ls_shell.wR_factor_R_work 
_refine_ls_shell.pdbx_total_number_of_bins_used 
_refine_ls_shell.pdbx_phase_error 
_refine_ls_shell.pdbx_fsc_work 
_refine_ls_shell.pdbx_fsc_free 
'X-RAY DIFFRACTION' 2.4131 3.0401  2069 . 97  1972 100.0000 . . . 0.3296 0.0000 0.2895 . . . . . . 2 . . . 
'X-RAY DIFFRACTION' 3.0401 36.1220 2181 . 115 2066 100.0000 . . . 0.1795 0.0000 0.1540 . . . . . . 2 . . . 
# 
_struct.entry_id                     6AR5 
_struct.title                        
;Structure of a Thermostable Group II Intron Reverse Transcriptase with Template-Primer and Its Functional and Evolutionary Implications (Duplex Only)
;
_struct.pdbx_model_details           ? 
_struct.pdbx_formula_weight          ? 
_struct.pdbx_formula_weight_method   ? 
_struct.pdbx_model_type_details      ? 
_struct.pdbx_CASP_flag               N 
# 
_struct_keywords.entry_id        6AR5 
_struct_keywords.text            'Duplex, DNA-RNA complex' 
_struct_keywords.pdbx_keywords   DNA/RNA 
# 
loop_
_struct_asym.id 
_struct_asym.pdbx_blank_PDB_chainid_flag 
_struct_asym.pdbx_modified 
_struct_asym.entity_id 
_struct_asym.details 
A N N 1 ? 
B N N 2 ? 
C N N 3 ? 
D N N 3 ? 
# 
loop_
_struct_ref.id 
_struct_ref.db_name 
_struct_ref.db_code 
_struct_ref.pdbx_db_accession 
_struct_ref.pdbx_db_isoform 
_struct_ref.entity_id 
_struct_ref.pdbx_seq_one_letter_code 
_struct_ref.pdbx_align_begin 
1 PDB 6AR5 6AR5 ? 1 ? 1 
2 PDB 6AR5 6AR5 ? 2 ? 1 
# 
loop_
_struct_ref_seq.align_id 
_struct_ref_seq.ref_id 
_struct_ref_seq.pdbx_PDB_id_code 
_struct_ref_seq.pdbx_strand_id 
_struct_ref_seq.seq_align_beg 
_struct_ref_seq.pdbx_seq_align_beg_ins_code 
_struct_ref_seq.seq_align_end 
_struct_ref_seq.pdbx_seq_align_end_ins_code 
_struct_ref_seq.pdbx_db_accession 
_struct_ref_seq.db_align_beg 
_struct_ref_seq.pdbx_db_align_beg_ins_code 
_struct_ref_seq.db_align_end 
_struct_ref_seq.pdbx_db_align_end_ins_code 
_struct_ref_seq.pdbx_auth_seq_align_beg 
_struct_ref_seq.pdbx_auth_seq_align_end 
1 1 6AR5 A 1 ? 13 ? 6AR5 1 ? 13 ? 1 13 
2 2 6AR5 B 1 ? 14 ? 6AR5 1 ? 14 ? 1 14 
# 
_pdbx_struct_assembly.id                   1 
_pdbx_struct_assembly.details              author_and_software_defined_assembly 
_pdbx_struct_assembly.method_details       PISA 
_pdbx_struct_assembly.oligomeric_details   dimeric 
_pdbx_struct_assembly.oligomeric_count     2 
# 
loop_
_pdbx_struct_assembly_prop.biol_id 
_pdbx_struct_assembly_prop.type 
_pdbx_struct_assembly_prop.value 
_pdbx_struct_assembly_prop.details 
1 'ABSA (A^2)' 1240 ? 
1 MORE         -7   ? 
1 'SSA (A^2)'  5050 ? 
# 
_pdbx_struct_assembly_gen.assembly_id       1 
_pdbx_struct_assembly_gen.oper_expression   1 
_pdbx_struct_assembly_gen.asym_id_list      A,B,C,D 
# 
_pdbx_struct_assembly_auth_evidence.id                     1 
_pdbx_struct_assembly_auth_evidence.assembly_id            1 
_pdbx_struct_assembly_auth_evidence.experimental_support   none 
_pdbx_struct_assembly_auth_evidence.details                ? 
# 
_pdbx_struct_oper_list.id                   1 
_pdbx_struct_oper_list.type                 'identity operation' 
_pdbx_struct_oper_list.name                 1_555 
_pdbx_struct_oper_list.symmetry_operation   x,y,z 
_pdbx_struct_oper_list.matrix[1][1]         1.0000000000 
_pdbx_struct_oper_list.matrix[1][2]         0.0000000000 
_pdbx_struct_oper_list.matrix[1][3]         0.0000000000 
_pdbx_struct_oper_list.vector[1]            0.0000000000 
_pdbx_struct_oper_list.matrix[2][1]         0.0000000000 
_pdbx_struct_oper_list.matrix[2][2]         1.0000000000 
_pdbx_struct_oper_list.matrix[2][3]         0.0000000000 
_pdbx_struct_oper_list.vector[2]            0.0000000000 
_pdbx_struct_oper_list.matrix[3][1]         0.0000000000 
_pdbx_struct_oper_list.matrix[3][2]         0.0000000000 
_pdbx_struct_oper_list.matrix[3][3]         1.0000000000 
_pdbx_struct_oper_list.vector[3]            0.0000000000 
# 
loop_
_struct_conn.id 
_struct_conn.conn_type_id 
_struct_conn.pdbx_leaving_atom_flag 
_struct_conn.pdbx_PDB_id 
_struct_conn.ptnr1_label_asym_id 
_struct_conn.ptnr1_label_comp_id 
_struct_conn.ptnr1_label_seq_id 
_struct_conn.ptnr1_label_atom_id 
_struct_conn.pdbx_ptnr1_label_alt_id 
_struct_conn.pdbx_ptnr1_PDB_ins_code 
_struct_conn.pdbx_ptnr1_standard_comp_id 
_struct_conn.ptnr1_symmetry 
_struct_conn.ptnr2_label_asym_id 
_struct_conn.ptnr2_label_comp_id 
_struct_conn.ptnr2_label_seq_id 
_struct_conn.ptnr2_label_atom_id 
_struct_conn.pdbx_ptnr2_label_alt_id 
_struct_conn.pdbx_ptnr2_PDB_ins_code 
_struct_conn.ptnr1_auth_asym_id 
_struct_conn.ptnr1_auth_comp_id 
_struct_conn.ptnr1_auth_seq_id 
_struct_conn.ptnr2_auth_asym_id 
_struct_conn.ptnr2_auth_comp_id 
_struct_conn.ptnr2_auth_seq_id 
_struct_conn.ptnr2_symmetry 
_struct_conn.pdbx_ptnr3_label_atom_id 
_struct_conn.pdbx_ptnr3_label_seq_id 
_struct_conn.pdbx_ptnr3_label_comp_id 
_struct_conn.pdbx_ptnr3_label_asym_id 
_struct_conn.pdbx_ptnr3_label_alt_id 
_struct_conn.pdbx_ptnr3_PDB_ins_code 
_struct_conn.details 
_struct_conn.pdbx_dist_value 
_struct_conn.pdbx_value_order 
_struct_conn.pdbx_role 
hydrog1  hydrog ? ? A DG 1  N1 ? ? ? 1_555 B C 14 N3 ? ? A DG 1  B C 14 1_555 ? ? ? ? ? ? WATSON-CRICK ? ? ? 
hydrog2  hydrog ? ? A DG 1  N2 ? ? ? 1_555 B C 14 O2 ? ? A DG 1  B C 14 1_555 ? ? ? ? ? ? WATSON-CRICK ? ? ? 
hydrog3  hydrog ? ? A DG 1  O6 ? ? ? 1_555 B C 14 N4 ? ? A DG 1  B C 14 1_555 ? ? ? ? ? ? WATSON-CRICK ? ? ? 
hydrog4  hydrog ? ? A DT 2  N3 ? ? ? 1_555 B A 13 N1 ? ? A DT 2  B A 13 1_555 ? ? ? ? ? ? WATSON-CRICK ? ? ? 
hydrog5  hydrog ? ? A DT 2  O4 ? ? ? 1_555 B A 13 N6 ? ? A DT 2  B A 13 1_555 ? ? ? ? ? ? WATSON-CRICK ? ? ? 
hydrog6  hydrog ? ? A DC 3  N3 ? ? ? 1_555 B G 12 N1 ? ? A DC 3  B G 12 1_555 ? ? ? ? ? ? WATSON-CRICK ? ? ? 
hydrog7  hydrog ? ? A DC 3  N4 ? ? ? 1_555 B G 12 O6 ? ? A DC 3  B G 12 1_555 ? ? ? ? ? ? WATSON-CRICK ? ? ? 
hydrog8  hydrog ? ? A DC 3  O2 ? ? ? 1_555 B G 12 N2 ? ? A DC 3  B G 12 1_555 ? ? ? ? ? ? WATSON-CRICK ? ? ? 
hydrog9  hydrog ? ? A DT 4  N3 ? ? ? 1_555 B A 11 N1 ? ? A DT 4  B A 11 1_555 ? ? ? ? ? ? WATSON-CRICK ? ? ? 
hydrog10 hydrog ? ? A DT 4  O4 ? ? ? 1_555 B A 11 N6 ? ? A DT 4  B A 11 1_555 ? ? ? ? ? ? WATSON-CRICK ? ? ? 
hydrog11 hydrog ? ? A DC 5  N3 ? ? ? 1_555 B G 10 N1 ? ? A DC 5  B G 10 1_555 ? ? ? ? ? ? WATSON-CRICK ? ? ? 
hydrog12 hydrog ? ? A DC 5  N4 ? ? ? 1_555 B G 10 O6 ? ? A DC 5  B G 10 1_555 ? ? ? ? ? ? WATSON-CRICK ? ? ? 
hydrog13 hydrog ? ? A DC 5  O2 ? ? ? 1_555 B G 10 N2 ? ? A DC 5  B G 10 1_555 ? ? ? ? ? ? WATSON-CRICK ? ? ? 
hydrog14 hydrog ? ? A DC 6  N3 ? ? ? 1_555 B G 9  N1 ? ? A DC 6  B G 9  1_555 ? ? ? ? ? ? WATSON-CRICK ? ? ? 
hydrog15 hydrog ? ? A DC 6  N4 ? ? ? 1_555 B G 9  O6 ? ? A DC 6  B G 9  1_555 ? ? ? ? ? ? WATSON-CRICK ? ? ? 
hydrog16 hydrog ? ? A DC 6  O2 ? ? ? 1_555 B G 9  N2 ? ? A DC 6  B G 9  1_555 ? ? ? ? ? ? WATSON-CRICK ? ? ? 
hydrog17 hydrog ? ? A DA 7  N1 ? ? ? 1_555 B U 8  N3 ? ? A DA 7  B U 8  1_555 ? ? ? ? ? ? WATSON-CRICK ? ? ? 
hydrog18 hydrog ? ? A DA 7  N6 ? ? ? 1_555 B U 8  O4 ? ? A DA 7  B U 8  1_555 ? ? ? ? ? ? WATSON-CRICK ? ? ? 
hydrog19 hydrog ? ? A DG 8  N1 ? ? ? 1_555 B C 7  N3 ? ? A DG 8  B C 7  1_555 ? ? ? ? ? ? WATSON-CRICK ? ? ? 
hydrog20 hydrog ? ? A DG 8  N2 ? ? ? 1_555 B C 7  O2 ? ? A DG 8  B C 7  1_555 ? ? ? ? ? ? WATSON-CRICK ? ? ? 
hydrog21 hydrog ? ? A DG 8  O6 ? ? ? 1_555 B C 7  N4 ? ? A DG 8  B C 7  1_555 ? ? ? ? ? ? WATSON-CRICK ? ? ? 
hydrog22 hydrog ? ? A DG 9  N1 ? ? ? 1_555 B C 6  N3 ? ? A DG 9  B C 6  1_555 ? ? ? ? ? ? WATSON-CRICK ? ? ? 
hydrog23 hydrog ? ? A DG 9  N2 ? ? ? 1_555 B C 6  O2 ? ? A DG 9  B C 6  1_555 ? ? ? ? ? ? WATSON-CRICK ? ? ? 
hydrog24 hydrog ? ? A DG 9  O6 ? ? ? 1_555 B C 6  N4 ? ? A DG 9  B C 6  1_555 ? ? ? ? ? ? WATSON-CRICK ? ? ? 
hydrog25 hydrog ? ? A DC 10 N3 ? ? ? 1_555 B G 5  N1 ? ? A DC 10 B G 5  1_555 ? ? ? ? ? ? WATSON-CRICK ? ? ? 
hydrog26 hydrog ? ? A DC 10 N4 ? ? ? 1_555 B G 5  O6 ? ? A DC 10 B G 5  1_555 ? ? ? ? ? ? WATSON-CRICK ? ? ? 
hydrog27 hydrog ? ? A DC 10 O2 ? ? ? 1_555 B G 5  N2 ? ? A DC 10 B G 5  1_555 ? ? ? ? ? ? WATSON-CRICK ? ? ? 
hydrog28 hydrog ? ? A DA 11 N1 ? ? ? 1_555 B U 4  N3 ? ? A DA 11 B U 4  1_555 ? ? ? ? ? ? WATSON-CRICK ? ? ? 
hydrog29 hydrog ? ? A DA 11 N6 ? ? ? 1_555 B U 4  O4 ? ? A DA 11 B U 4  1_555 ? ? ? ? ? ? WATSON-CRICK ? ? ? 
hydrog30 hydrog ? ? A DA 12 N1 ? ? ? 1_555 B U 3  N3 ? ? A DA 12 B U 3  1_555 ? ? ? ? ? ? WATSON-CRICK ? ? ? 
hydrog31 hydrog ? ? A DA 12 N6 ? ? ? 1_555 B U 3  O4 ? ? A DA 12 B U 3  1_555 ? ? ? ? ? ? WATSON-CRICK ? ? ? 
hydrog32 hydrog ? ? A DC 13 N3 ? ? ? 1_555 B G 2  N1 ? ? A DC 13 B G 2  1_555 ? ? ? ? ? ? WATSON-CRICK ? ? ? 
hydrog33 hydrog ? ? A DC 13 N4 ? ? ? 1_555 B G 2  O6 ? ? A DC 13 B G 2  1_555 ? ? ? ? ? ? WATSON-CRICK ? ? ? 
hydrog34 hydrog ? ? A DC 13 O2 ? ? ? 1_555 B G 2  N2 ? ? A DC 13 B G 2  1_555 ? ? ? ? ? ? WATSON-CRICK ? ? ? 
# 
_struct_conn_type.id          hydrog 
_struct_conn_type.criteria    ? 
_struct_conn_type.reference   ? 
# 
loop_
_pdbx_validate_rmsd_bond.id 
_pdbx_validate_rmsd_bond.PDB_model_num 
_pdbx_validate_rmsd_bond.auth_atom_id_1 
_pdbx_validate_rmsd_bond.auth_asym_id_1 
_pdbx_validate_rmsd_bond.auth_comp_id_1 
_pdbx_validate_rmsd_bond.auth_seq_id_1 
_pdbx_validate_rmsd_bond.PDB_ins_code_1 
_pdbx_validate_rmsd_bond.label_alt_id_1 
_pdbx_validate_rmsd_bond.auth_atom_id_2 
_pdbx_validate_rmsd_bond.auth_asym_id_2 
_pdbx_validate_rmsd_bond.auth_comp_id_2 
_pdbx_validate_rmsd_bond.auth_seq_id_2 
_pdbx_validate_rmsd_bond.PDB_ins_code_2 
_pdbx_validate_rmsd_bond.label_alt_id_2 
_pdbx_validate_rmsd_bond.bond_value 
_pdbx_validate_rmsd_bond.bond_target_value 
_pdbx_validate_rmsd_bond.bond_deviation 
_pdbx_validate_rmsd_bond.bond_standard_deviation 
_pdbx_validate_rmsd_bond.linker_flag 
1 1 "O3'" A DA 7 ? ? "C3'" A DA 7 ? ? 1.380 1.419 -0.039 0.006 N 
2 1 "O3'" A DG 9 ? ? "C3'" A DG 9 ? ? 1.377 1.419 -0.042 0.006 N 
# 
loop_
_chem_comp_atom.comp_id 
_chem_comp_atom.atom_id 
_chem_comp_atom.type_symbol 
_chem_comp_atom.pdbx_aromatic_flag 
_chem_comp_atom.pdbx_stereo_config 
_chem_comp_atom.pdbx_ordinal 
A   OP3    O N N 1   
A   P      P N N 2   
A   OP1    O N N 3   
A   OP2    O N N 4   
A   "O5'"  O N N 5   
A   "C5'"  C N N 6   
A   "C4'"  C N R 7   
A   "O4'"  O N N 8   
A   "C3'"  C N S 9   
A   "O3'"  O N N 10  
A   "C2'"  C N R 11  
A   "O2'"  O N N 12  
A   "C1'"  C N R 13  
A   N9     N Y N 14  
A   C8     C Y N 15  
A   N7     N Y N 16  
A   C5     C Y N 17  
A   C6     C Y N 18  
A   N6     N N N 19  
A   N1     N Y N 20  
A   C2     C Y N 21  
A   N3     N Y N 22  
A   C4     C Y N 23  
A   HOP3   H N N 24  
A   HOP2   H N N 25  
A   "H5'"  H N N 26  
A   "H5''" H N N 27  
A   "H4'"  H N N 28  
A   "H3'"  H N N 29  
A   "HO3'" H N N 30  
A   "H2'"  H N N 31  
A   "HO2'" H N N 32  
A   "H1'"  H N N 33  
A   H8     H N N 34  
A   H61    H N N 35  
A   H62    H N N 36  
A   H2     H N N 37  
C   OP3    O N N 38  
C   P      P N N 39  
C   OP1    O N N 40  
C   OP2    O N N 41  
C   "O5'"  O N N 42  
C   "C5'"  C N N 43  
C   "C4'"  C N R 44  
C   "O4'"  O N N 45  
C   "C3'"  C N S 46  
C   "O3'"  O N N 47  
C   "C2'"  C N R 48  
C   "O2'"  O N N 49  
C   "C1'"  C N R 50  
C   N1     N N N 51  
C   C2     C N N 52  
C   O2     O N N 53  
C   N3     N N N 54  
C   C4     C N N 55  
C   N4     N N N 56  
C   C5     C N N 57  
C   C6     C N N 58  
C   HOP3   H N N 59  
C   HOP2   H N N 60  
C   "H5'"  H N N 61  
C   "H5''" H N N 62  
C   "H4'"  H N N 63  
C   "H3'"  H N N 64  
C   "HO3'" H N N 65  
C   "H2'"  H N N 66  
C   "HO2'" H N N 67  
C   "H1'"  H N N 68  
C   H41    H N N 69  
C   H42    H N N 70  
C   H5     H N N 71  
C   H6     H N N 72  
DA  OP3    O N N 73  
DA  P      P N N 74  
DA  OP1    O N N 75  
DA  OP2    O N N 76  
DA  "O5'"  O N N 77  
DA  "C5'"  C N N 78  
DA  "C4'"  C N R 79  
DA  "O4'"  O N N 80  
DA  "C3'"  C N S 81  
DA  "O3'"  O N N 82  
DA  "C2'"  C N N 83  
DA  "C1'"  C N R 84  
DA  N9     N Y N 85  
DA  C8     C Y N 86  
DA  N7     N Y N 87  
DA  C5     C Y N 88  
DA  C6     C Y N 89  
DA  N6     N N N 90  
DA  N1     N Y N 91  
DA  C2     C Y N 92  
DA  N3     N Y N 93  
DA  C4     C Y N 94  
DA  HOP3   H N N 95  
DA  HOP2   H N N 96  
DA  "H5'"  H N N 97  
DA  "H5''" H N N 98  
DA  "H4'"  H N N 99  
DA  "H3'"  H N N 100 
DA  "HO3'" H N N 101 
DA  "H2'"  H N N 102 
DA  "H2''" H N N 103 
DA  "H1'"  H N N 104 
DA  H8     H N N 105 
DA  H61    H N N 106 
DA  H62    H N N 107 
DA  H2     H N N 108 
DC  OP3    O N N 109 
DC  P      P N N 110 
DC  OP1    O N N 111 
DC  OP2    O N N 112 
DC  "O5'"  O N N 113 
DC  "C5'"  C N N 114 
DC  "C4'"  C N R 115 
DC  "O4'"  O N N 116 
DC  "C3'"  C N S 117 
DC  "O3'"  O N N 118 
DC  "C2'"  C N N 119 
DC  "C1'"  C N R 120 
DC  N1     N N N 121 
DC  C2     C N N 122 
DC  O2     O N N 123 
DC  N3     N N N 124 
DC  C4     C N N 125 
DC  N4     N N N 126 
DC  C5     C N N 127 
DC  C6     C N N 128 
DC  HOP3   H N N 129 
DC  HOP2   H N N 130 
DC  "H5'"  H N N 131 
DC  "H5''" H N N 132 
DC  "H4'"  H N N 133 
DC  "H3'"  H N N 134 
DC  "HO3'" H N N 135 
DC  "H2'"  H N N 136 
DC  "H2''" H N N 137 
DC  "H1'"  H N N 138 
DC  H41    H N N 139 
DC  H42    H N N 140 
DC  H5     H N N 141 
DC  H6     H N N 142 
DG  OP3    O N N 143 
DG  P      P N N 144 
DG  OP1    O N N 145 
DG  OP2    O N N 146 
DG  "O5'"  O N N 147 
DG  "C5'"  C N N 148 
DG  "C4'"  C N R 149 
DG  "O4'"  O N N 150 
DG  "C3'"  C N S 151 
DG  "O3'"  O N N 152 
DG  "C2'"  C N N 153 
DG  "C1'"  C N R 154 
DG  N9     N Y N 155 
DG  C8     C Y N 156 
DG  N7     N Y N 157 
DG  C5     C Y N 158 
DG  C6     C N N 159 
DG  O6     O N N 160 
DG  N1     N N N 161 
DG  C2     C N N 162 
DG  N2     N N N 163 
DG  N3     N N N 164 
DG  C4     C Y N 165 
DG  HOP3   H N N 166 
DG  HOP2   H N N 167 
DG  "H5'"  H N N 168 
DG  "H5''" H N N 169 
DG  "H4'"  H N N 170 
DG  "H3'"  H N N 171 
DG  "HO3'" H N N 172 
DG  "H2'"  H N N 173 
DG  "H2''" H N N 174 
DG  "H1'"  H N N 175 
DG  H8     H N N 176 
DG  H1     H N N 177 
DG  H21    H N N 178 
DG  H22    H N N 179 
DT  OP3    O N N 180 
DT  P      P N N 181 
DT  OP1    O N N 182 
DT  OP2    O N N 183 
DT  "O5'"  O N N 184 
DT  "C5'"  C N N 185 
DT  "C4'"  C N R 186 
DT  "O4'"  O N N 187 
DT  "C3'"  C N S 188 
DT  "O3'"  O N N 189 
DT  "C2'"  C N N 190 
DT  "C1'"  C N R 191 
DT  N1     N N N 192 
DT  C2     C N N 193 
DT  O2     O N N 194 
DT  N3     N N N 195 
DT  C4     C N N 196 
DT  O4     O N N 197 
DT  C5     C N N 198 
DT  C7     C N N 199 
DT  C6     C N N 200 
DT  HOP3   H N N 201 
DT  HOP2   H N N 202 
DT  "H5'"  H N N 203 
DT  "H5''" H N N 204 
DT  "H4'"  H N N 205 
DT  "H3'"  H N N 206 
DT  "HO3'" H N N 207 
DT  "H2'"  H N N 208 
DT  "H2''" H N N 209 
DT  "H1'"  H N N 210 
DT  H3     H N N 211 
DT  H71    H N N 212 
DT  H72    H N N 213 
DT  H73    H N N 214 
DT  H6     H N N 215 
G   OP3    O N N 216 
G   P      P N N 217 
G   OP1    O N N 218 
G   OP2    O N N 219 
G   "O5'"  O N N 220 
G   "C5'"  C N N 221 
G   "C4'"  C N R 222 
G   "O4'"  O N N 223 
G   "C3'"  C N S 224 
G   "O3'"  O N N 225 
G   "C2'"  C N R 226 
G   "O2'"  O N N 227 
G   "C1'"  C N R 228 
G   N9     N Y N 229 
G   C8     C Y N 230 
G   N7     N Y N 231 
G   C5     C Y N 232 
G   C6     C N N 233 
G   O6     O N N 234 
G   N1     N N N 235 
G   C2     C N N 236 
G   N2     N N N 237 
G   N3     N N N 238 
G   C4     C Y N 239 
G   HOP3   H N N 240 
G   HOP2   H N N 241 
G   "H5'"  H N N 242 
G   "H5''" H N N 243 
G   "H4'"  H N N 244 
G   "H3'"  H N N 245 
G   "HO3'" H N N 246 
G   "H2'"  H N N 247 
G   "HO2'" H N N 248 
G   "H1'"  H N N 249 
G   H8     H N N 250 
G   H1     H N N 251 
G   H21    H N N 252 
G   H22    H N N 253 
HOH O      O N N 254 
HOH H1     H N N 255 
HOH H2     H N N 256 
U   OP3    O N N 257 
U   P      P N N 258 
U   OP1    O N N 259 
U   OP2    O N N 260 
U   "O5'"  O N N 261 
U   "C5'"  C N N 262 
U   "C4'"  C N R 263 
U   "O4'"  O N N 264 
U   "C3'"  C N S 265 
U   "O3'"  O N N 266 
U   "C2'"  C N R 267 
U   "O2'"  O N N 268 
U   "C1'"  C N R 269 
U   N1     N N N 270 
U   C2     C N N 271 
U   O2     O N N 272 
U   N3     N N N 273 
U   C4     C N N 274 
U   O4     O N N 275 
U   C5     C N N 276 
U   C6     C N N 277 
U   HOP3   H N N 278 
U   HOP2   H N N 279 
U   "H5'"  H N N 280 
U   "H5''" H N N 281 
U   "H4'"  H N N 282 
U   "H3'"  H N N 283 
U   "HO3'" H N N 284 
U   "H2'"  H N N 285 
U   "HO2'" H N N 286 
U   "H1'"  H N N 287 
U   H3     H N N 288 
U   H5     H N N 289 
U   H6     H N N 290 
# 
loop_
_chem_comp_bond.comp_id 
_chem_comp_bond.atom_id_1 
_chem_comp_bond.atom_id_2 
_chem_comp_bond.value_order 
_chem_comp_bond.pdbx_aromatic_flag 
_chem_comp_bond.pdbx_stereo_config 
_chem_comp_bond.pdbx_ordinal 
A   OP3   P      sing N N 1   
A   OP3   HOP3   sing N N 2   
A   P     OP1    doub N N 3   
A   P     OP2    sing N N 4   
A   P     "O5'"  sing N N 5   
A   OP2   HOP2   sing N N 6   
A   "O5'" "C5'"  sing N N 7   
A   "C5'" "C4'"  sing N N 8   
A   "C5'" "H5'"  sing N N 9   
A   "C5'" "H5''" sing N N 10  
A   "C4'" "O4'"  sing N N 11  
A   "C4'" "C3'"  sing N N 12  
A   "C4'" "H4'"  sing N N 13  
A   "O4'" "C1'"  sing N N 14  
A   "C3'" "O3'"  sing N N 15  
A   "C3'" "C2'"  sing N N 16  
A   "C3'" "H3'"  sing N N 17  
A   "O3'" "HO3'" sing N N 18  
A   "C2'" "O2'"  sing N N 19  
A   "C2'" "C1'"  sing N N 20  
A   "C2'" "H2'"  sing N N 21  
A   "O2'" "HO2'" sing N N 22  
A   "C1'" N9     sing N N 23  
A   "C1'" "H1'"  sing N N 24  
A   N9    C8     sing Y N 25  
A   N9    C4     sing Y N 26  
A   C8    N7     doub Y N 27  
A   C8    H8     sing N N 28  
A   N7    C5     sing Y N 29  
A   C5    C6     sing Y N 30  
A   C5    C4     doub Y N 31  
A   C6    N6     sing N N 32  
A   C6    N1     doub Y N 33  
A   N6    H61    sing N N 34  
A   N6    H62    sing N N 35  
A   N1    C2     sing Y N 36  
A   C2    N3     doub Y N 37  
A   C2    H2     sing N N 38  
A   N3    C4     sing Y N 39  
C   OP3   P      sing N N 40  
C   OP3   HOP3   sing N N 41  
C   P     OP1    doub N N 42  
C   P     OP2    sing N N 43  
C   P     "O5'"  sing N N 44  
C   OP2   HOP2   sing N N 45  
C   "O5'" "C5'"  sing N N 46  
C   "C5'" "C4'"  sing N N 47  
C   "C5'" "H5'"  sing N N 48  
C   "C5'" "H5''" sing N N 49  
C   "C4'" "O4'"  sing N N 50  
C   "C4'" "C3'"  sing N N 51  
C   "C4'" "H4'"  sing N N 52  
C   "O4'" "C1'"  sing N N 53  
C   "C3'" "O3'"  sing N N 54  
C   "C3'" "C2'"  sing N N 55  
C   "C3'" "H3'"  sing N N 56  
C   "O3'" "HO3'" sing N N 57  
C   "C2'" "O2'"  sing N N 58  
C   "C2'" "C1'"  sing N N 59  
C   "C2'" "H2'"  sing N N 60  
C   "O2'" "HO2'" sing N N 61  
C   "C1'" N1     sing N N 62  
C   "C1'" "H1'"  sing N N 63  
C   N1    C2     sing N N 64  
C   N1    C6     sing N N 65  
C   C2    O2     doub N N 66  
C   C2    N3     sing N N 67  
C   N3    C4     doub N N 68  
C   C4    N4     sing N N 69  
C   C4    C5     sing N N 70  
C   N4    H41    sing N N 71  
C   N4    H42    sing N N 72  
C   C5    C6     doub N N 73  
C   C5    H5     sing N N 74  
C   C6    H6     sing N N 75  
DA  OP3   P      sing N N 76  
DA  OP3   HOP3   sing N N 77  
DA  P     OP1    doub N N 78  
DA  P     OP2    sing N N 79  
DA  P     "O5'"  sing N N 80  
DA  OP2   HOP2   sing N N 81  
DA  "O5'" "C5'"  sing N N 82  
DA  "C5'" "C4'"  sing N N 83  
DA  "C5'" "H5'"  sing N N 84  
DA  "C5'" "H5''" sing N N 85  
DA  "C4'" "O4'"  sing N N 86  
DA  "C4'" "C3'"  sing N N 87  
DA  "C4'" "H4'"  sing N N 88  
DA  "O4'" "C1'"  sing N N 89  
DA  "C3'" "O3'"  sing N N 90  
DA  "C3'" "C2'"  sing N N 91  
DA  "C3'" "H3'"  sing N N 92  
DA  "O3'" "HO3'" sing N N 93  
DA  "C2'" "C1'"  sing N N 94  
DA  "C2'" "H2'"  sing N N 95  
DA  "C2'" "H2''" sing N N 96  
DA  "C1'" N9     sing N N 97  
DA  "C1'" "H1'"  sing N N 98  
DA  N9    C8     sing Y N 99  
DA  N9    C4     sing Y N 100 
DA  C8    N7     doub Y N 101 
DA  C8    H8     sing N N 102 
DA  N7    C5     sing Y N 103 
DA  C5    C6     sing Y N 104 
DA  C5    C4     doub Y N 105 
DA  C6    N6     sing N N 106 
DA  C6    N1     doub Y N 107 
DA  N6    H61    sing N N 108 
DA  N6    H62    sing N N 109 
DA  N1    C2     sing Y N 110 
DA  C2    N3     doub Y N 111 
DA  C2    H2     sing N N 112 
DA  N3    C4     sing Y N 113 
DC  OP3   P      sing N N 114 
DC  OP3   HOP3   sing N N 115 
DC  P     OP1    doub N N 116 
DC  P     OP2    sing N N 117 
DC  P     "O5'"  sing N N 118 
DC  OP2   HOP2   sing N N 119 
DC  "O5'" "C5'"  sing N N 120 
DC  "C5'" "C4'"  sing N N 121 
DC  "C5'" "H5'"  sing N N 122 
DC  "C5'" "H5''" sing N N 123 
DC  "C4'" "O4'"  sing N N 124 
DC  "C4'" "C3'"  sing N N 125 
DC  "C4'" "H4'"  sing N N 126 
DC  "O4'" "C1'"  sing N N 127 
DC  "C3'" "O3'"  sing N N 128 
DC  "C3'" "C2'"  sing N N 129 
DC  "C3'" "H3'"  sing N N 130 
DC  "O3'" "HO3'" sing N N 131 
DC  "C2'" "C1'"  sing N N 132 
DC  "C2'" "H2'"  sing N N 133 
DC  "C2'" "H2''" sing N N 134 
DC  "C1'" N1     sing N N 135 
DC  "C1'" "H1'"  sing N N 136 
DC  N1    C2     sing N N 137 
DC  N1    C6     sing N N 138 
DC  C2    O2     doub N N 139 
DC  C2    N3     sing N N 140 
DC  N3    C4     doub N N 141 
DC  C4    N4     sing N N 142 
DC  C4    C5     sing N N 143 
DC  N4    H41    sing N N 144 
DC  N4    H42    sing N N 145 
DC  C5    C6     doub N N 146 
DC  C5    H5     sing N N 147 
DC  C6    H6     sing N N 148 
DG  OP3   P      sing N N 149 
DG  OP3   HOP3   sing N N 150 
DG  P     OP1    doub N N 151 
DG  P     OP2    sing N N 152 
DG  P     "O5'"  sing N N 153 
DG  OP2   HOP2   sing N N 154 
DG  "O5'" "C5'"  sing N N 155 
DG  "C5'" "C4'"  sing N N 156 
DG  "C5'" "H5'"  sing N N 157 
DG  "C5'" "H5''" sing N N 158 
DG  "C4'" "O4'"  sing N N 159 
DG  "C4'" "C3'"  sing N N 160 
DG  "C4'" "H4'"  sing N N 161 
DG  "O4'" "C1'"  sing N N 162 
DG  "C3'" "O3'"  sing N N 163 
DG  "C3'" "C2'"  sing N N 164 
DG  "C3'" "H3'"  sing N N 165 
DG  "O3'" "HO3'" sing N N 166 
DG  "C2'" "C1'"  sing N N 167 
DG  "C2'" "H2'"  sing N N 168 
DG  "C2'" "H2''" sing N N 169 
DG  "C1'" N9     sing N N 170 
DG  "C1'" "H1'"  sing N N 171 
DG  N9    C8     sing Y N 172 
DG  N9    C4     sing Y N 173 
DG  C8    N7     doub Y N 174 
DG  C8    H8     sing N N 175 
DG  N7    C5     sing Y N 176 
DG  C5    C6     sing N N 177 
DG  C5    C4     doub Y N 178 
DG  C6    O6     doub N N 179 
DG  C6    N1     sing N N 180 
DG  N1    C2     sing N N 181 
DG  N1    H1     sing N N 182 
DG  C2    N2     sing N N 183 
DG  C2    N3     doub N N 184 
DG  N2    H21    sing N N 185 
DG  N2    H22    sing N N 186 
DG  N3    C4     sing N N 187 
DT  OP3   P      sing N N 188 
DT  OP3   HOP3   sing N N 189 
DT  P     OP1    doub N N 190 
DT  P     OP2    sing N N 191 
DT  P     "O5'"  sing N N 192 
DT  OP2   HOP2   sing N N 193 
DT  "O5'" "C5'"  sing N N 194 
DT  "C5'" "C4'"  sing N N 195 
DT  "C5'" "H5'"  sing N N 196 
DT  "C5'" "H5''" sing N N 197 
DT  "C4'" "O4'"  sing N N 198 
DT  "C4'" "C3'"  sing N N 199 
DT  "C4'" "H4'"  sing N N 200 
DT  "O4'" "C1'"  sing N N 201 
DT  "C3'" "O3'"  sing N N 202 
DT  "C3'" "C2'"  sing N N 203 
DT  "C3'" "H3'"  sing N N 204 
DT  "O3'" "HO3'" sing N N 205 
DT  "C2'" "C1'"  sing N N 206 
DT  "C2'" "H2'"  sing N N 207 
DT  "C2'" "H2''" sing N N 208 
DT  "C1'" N1     sing N N 209 
DT  "C1'" "H1'"  sing N N 210 
DT  N1    C2     sing N N 211 
DT  N1    C6     sing N N 212 
DT  C2    O2     doub N N 213 
DT  C2    N3     sing N N 214 
DT  N3    C4     sing N N 215 
DT  N3    H3     sing N N 216 
DT  C4    O4     doub N N 217 
DT  C4    C5     sing N N 218 
DT  C5    C7     sing N N 219 
DT  C5    C6     doub N N 220 
DT  C7    H71    sing N N 221 
DT  C7    H72    sing N N 222 
DT  C7    H73    sing N N 223 
DT  C6    H6     sing N N 224 
G   OP3   P      sing N N 225 
G   OP3   HOP3   sing N N 226 
G   P     OP1    doub N N 227 
G   P     OP2    sing N N 228 
G   P     "O5'"  sing N N 229 
G   OP2   HOP2   sing N N 230 
G   "O5'" "C5'"  sing N N 231 
G   "C5'" "C4'"  sing N N 232 
G   "C5'" "H5'"  sing N N 233 
G   "C5'" "H5''" sing N N 234 
G   "C4'" "O4'"  sing N N 235 
G   "C4'" "C3'"  sing N N 236 
G   "C4'" "H4'"  sing N N 237 
G   "O4'" "C1'"  sing N N 238 
G   "C3'" "O3'"  sing N N 239 
G   "C3'" "C2'"  sing N N 240 
G   "C3'" "H3'"  sing N N 241 
G   "O3'" "HO3'" sing N N 242 
G   "C2'" "O2'"  sing N N 243 
G   "C2'" "C1'"  sing N N 244 
G   "C2'" "H2'"  sing N N 245 
G   "O2'" "HO2'" sing N N 246 
G   "C1'" N9     sing N N 247 
G   "C1'" "H1'"  sing N N 248 
G   N9    C8     sing Y N 249 
G   N9    C4     sing Y N 250 
G   C8    N7     doub Y N 251 
G   C8    H8     sing N N 252 
G   N7    C5     sing Y N 253 
G   C5    C6     sing N N 254 
G   C5    C4     doub Y N 255 
G   C6    O6     doub N N 256 
G   C6    N1     sing N N 257 
G   N1    C2     sing N N 258 
G   N1    H1     sing N N 259 
G   C2    N2     sing N N 260 
G   C2    N3     doub N N 261 
G   N2    H21    sing N N 262 
G   N2    H22    sing N N 263 
G   N3    C4     sing N N 264 
HOH O     H1     sing N N 265 
HOH O     H2     sing N N 266 
U   OP3   P      sing N N 267 
U   OP3   HOP3   sing N N 268 
U   P     OP1    doub N N 269 
U   P     OP2    sing N N 270 
U   P     "O5'"  sing N N 271 
U   OP2   HOP2   sing N N 272 
U   "O5'" "C5'"  sing N N 273 
U   "C5'" "C4'"  sing N N 274 
U   "C5'" "H5'"  sing N N 275 
U   "C5'" "H5''" sing N N 276 
U   "C4'" "O4'"  sing N N 277 
U   "C4'" "C3'"  sing N N 278 
U   "C4'" "H4'"  sing N N 279 
U   "O4'" "C1'"  sing N N 280 
U   "C3'" "O3'"  sing N N 281 
U   "C3'" "C2'"  sing N N 282 
U   "C3'" "H3'"  sing N N 283 
U   "O3'" "HO3'" sing N N 284 
U   "C2'" "O2'"  sing N N 285 
U   "C2'" "C1'"  sing N N 286 
U   "C2'" "H2'"  sing N N 287 
U   "O2'" "HO2'" sing N N 288 
U   "C1'" N1     sing N N 289 
U   "C1'" "H1'"  sing N N 290 
U   N1    C2     sing N N 291 
U   N1    C6     sing N N 292 
U   C2    O2     doub N N 293 
U   C2    N3     sing N N 294 
U   N3    C4     sing N N 295 
U   N3    H3     sing N N 296 
U   C4    O4     doub N N 297 
U   C4    C5     sing N N 298 
U   C5    C6     doub N N 299 
U   C5    H5     sing N N 300 
U   C6    H6     sing N N 301 
# 
_ndb_struct_conf_na.entry_id   6AR5 
_ndb_struct_conf_na.feature    'a-form double helix' 
# 
loop_
_ndb_struct_na_base_pair.model_number 
_ndb_struct_na_base_pair.i_label_asym_id 
_ndb_struct_na_base_pair.i_label_comp_id 
_ndb_struct_na_base_pair.i_label_seq_id 
_ndb_struct_na_base_pair.i_symmetry 
_ndb_struct_na_base_pair.j_label_asym_id 
_ndb_struct_na_base_pair.j_label_comp_id 
_ndb_struct_na_base_pair.j_label_seq_id 
_ndb_struct_na_base_pair.j_symmetry 
_ndb_struct_na_base_pair.shear 
_ndb_struct_na_base_pair.stretch 
_ndb_struct_na_base_pair.stagger 
_ndb_struct_na_base_pair.buckle 
_ndb_struct_na_base_pair.propeller 
_ndb_struct_na_base_pair.opening 
_ndb_struct_na_base_pair.pair_number 
_ndb_struct_na_base_pair.pair_name 
_ndb_struct_na_base_pair.i_auth_asym_id 
_ndb_struct_na_base_pair.i_auth_seq_id 
_ndb_struct_na_base_pair.i_PDB_ins_code 
_ndb_struct_na_base_pair.j_auth_asym_id 
_ndb_struct_na_base_pair.j_auth_seq_id 
_ndb_struct_na_base_pair.j_PDB_ins_code 
_ndb_struct_na_base_pair.hbond_type_28 
_ndb_struct_na_base_pair.hbond_type_12 
1 A DG 1  1_555 B C 14 1_555 -0.245 -0.304 0.082  -0.036 8.893   -0.276 1  A_DG1:C14_B A 1  ? B 14 ? 19 1 
1 A DT 2  1_555 B A 13 1_555 -0.173 -0.156 -0.465 9.931  -5.463  2.974  2  A_DT2:A13_B A 2  ? B 13 ? 20 1 
1 A DC 3  1_555 B G 12 1_555 0.137  -0.199 -0.357 4.459  -6.952  3.262  3  A_DC3:G12_B A 3  ? B 12 ? 19 1 
1 A DT 4  1_555 B A 11 1_555 -0.017 -0.226 -0.328 11.521 -5.066  0.045  4  A_DT4:A11_B A 4  ? B 11 ? 20 1 
1 A DC 5  1_555 B G 10 1_555 0.224  -0.093 -0.131 9.552  -14.228 4.719  5  A_DC5:G10_B A 5  ? B 10 ? 19 1 
1 A DC 6  1_555 B G 9  1_555 0.072  -0.098 -0.121 4.224  -11.369 5.893  6  A_DC6:G9_B  A 6  ? B 9  ? 19 1 
1 A DA 7  1_555 B U 8  1_555 0.203  -0.157 0.070  -1.309 -6.949  -2.237 7  A_DA7:U8_B  A 7  ? B 8  ? 20 1 
1 A DG 8  1_555 B C 7  1_555 -0.486 -0.204 0.187  -0.486 -6.808  2.754  8  A_DG8:C7_B  A 8  ? B 7  ? 19 1 
1 A DG 9  1_555 B C 6  1_555 -0.325 -0.097 -0.116 -8.241 -16.581 0.823  9  A_DG9:C6_B  A 9  ? B 6  ? 19 1 
1 A DC 10 1_555 B G 5  1_555 0.159  -0.196 0.242  -6.133 -11.362 -1.310 10 A_DC10:G5_B A 10 ? B 5  ? 19 1 
1 A DA 11 1_555 B U 4  1_555 0.130  -0.239 0.224  -1.788 -6.625  1.781  11 A_DA11:U4_B A 11 ? B 4  ? 20 1 
1 A DA 12 1_555 B U 3  1_555 0.161  -0.195 0.193  8.631  -19.627 0.797  12 A_DA12:U3_B A 12 ? B 3  ? 20 1 
1 A DC 13 1_555 B G 2  1_555 0.325  -0.114 -0.070 8.959  -19.422 3.060  13 A_DC13:G2_B A 13 ? B 2  ? 19 1 
# 
loop_
_ndb_struct_na_base_pair_step.model_number 
_ndb_struct_na_base_pair_step.i_label_asym_id_1 
_ndb_struct_na_base_pair_step.i_label_comp_id_1 
_ndb_struct_na_base_pair_step.i_label_seq_id_1 
_ndb_struct_na_base_pair_step.i_symmetry_1 
_ndb_struct_na_base_pair_step.j_label_asym_id_1 
_ndb_struct_na_base_pair_step.j_label_comp_id_1 
_ndb_struct_na_base_pair_step.j_label_seq_id_1 
_ndb_struct_na_base_pair_step.j_symmetry_1 
_ndb_struct_na_base_pair_step.i_label_asym_id_2 
_ndb_struct_na_base_pair_step.i_label_comp_id_2 
_ndb_struct_na_base_pair_step.i_label_seq_id_2 
_ndb_struct_na_base_pair_step.i_symmetry_2 
_ndb_struct_na_base_pair_step.j_label_asym_id_2 
_ndb_struct_na_base_pair_step.j_label_comp_id_2 
_ndb_struct_na_base_pair_step.j_label_seq_id_2 
_ndb_struct_na_base_pair_step.j_symmetry_2 
_ndb_struct_na_base_pair_step.shift 
_ndb_struct_na_base_pair_step.slide 
_ndb_struct_na_base_pair_step.rise 
_ndb_struct_na_base_pair_step.tilt 
_ndb_struct_na_base_pair_step.roll 
_ndb_struct_na_base_pair_step.twist 
_ndb_struct_na_base_pair_step.x_displacement 
_ndb_struct_na_base_pair_step.y_displacement 
_ndb_struct_na_base_pair_step.helical_rise 
_ndb_struct_na_base_pair_step.inclination 
_ndb_struct_na_base_pair_step.tip 
_ndb_struct_na_base_pair_step.helical_twist 
_ndb_struct_na_base_pair_step.step_number 
_ndb_struct_na_base_pair_step.step_name 
_ndb_struct_na_base_pair_step.i_auth_asym_id_1 
_ndb_struct_na_base_pair_step.i_auth_seq_id_1 
_ndb_struct_na_base_pair_step.i_PDB_ins_code_1 
_ndb_struct_na_base_pair_step.j_auth_asym_id_1 
_ndb_struct_na_base_pair_step.j_auth_seq_id_1 
_ndb_struct_na_base_pair_step.j_PDB_ins_code_1 
_ndb_struct_na_base_pair_step.i_auth_asym_id_2 
_ndb_struct_na_base_pair_step.i_auth_seq_id_2 
_ndb_struct_na_base_pair_step.i_PDB_ins_code_2 
_ndb_struct_na_base_pair_step.j_auth_asym_id_2 
_ndb_struct_na_base_pair_step.j_auth_seq_id_2 
_ndb_struct_na_base_pair_step.j_PDB_ins_code_2 
1 A DG 1  1_555 B C 14 1_555 A DT 2  1_555 B A 13 1_555 -0.423 -2.114 3.153 3.162  2.573  28.919 -4.714 1.477  2.896 5.119  -6.292 
29.199 1  AA_DG1DT2:A13C14_BB A 1  ? B 14 ? A 2  ? B 13 ? 
1 A DT 2  1_555 B A 13 1_555 A DC 3  1_555 B G 12 1_555 0.657  -1.806 3.401 0.947  12.130 34.456 -4.488 -0.924 2.653 19.732 -1.541 
36.480 2  AA_DT2DC3:G12A13_BB A 2  ? B 13 ? A 3  ? B 12 ? 
1 A DC 3  1_555 B G 12 1_555 A DT 4  1_555 B A 11 1_555 -1.105 -1.741 3.255 -0.601 6.862  23.495 -6.079 2.434  2.673 16.406 1.436  
24.471 3  AA_DC3DT4:A11G12_BB A 3  ? B 12 ? A 4  ? B 11 ? 
1 A DT 4  1_555 B A 11 1_555 A DC 5  1_555 B G 10 1_555 0.924  -1.526 3.273 -0.384 9.597  34.404 -3.796 -1.560 2.752 15.846 0.634  
35.681 4  AA_DT4DC5:G10A11_BB A 4  ? B 11 ? A 5  ? B 10 ? 
1 A DC 5  1_555 B G 10 1_555 A DC 6  1_555 B G 9  1_555 -0.208 -2.098 3.300 -0.373 10.467 29.363 -5.714 0.323  2.428 19.869 0.707  
31.136 5  AA_DC5DC6:G9G10_BB  A 5  ? B 10 ? A 6  ? B 9  ? 
1 A DC 6  1_555 B G 9  1_555 A DA 7  1_555 B U 8  1_555 -1.007 -1.513 3.267 -1.462 15.740 35.107 -4.095 1.365  2.433 24.612 2.287  
38.399 6  AA_DC6DA7:U8G9_BB   A 6  ? B 9  ? A 7  ? B 8  ? 
1 A DA 7  1_555 B U 8  1_555 A DG 8  1_555 B C 7  1_555 1.493  -2.201 3.140 2.233  8.242  22.627 -7.531 -2.950 2.338 20.110 -5.448 
24.165 7  AA_DA7DG8:C7U8_BB   A 7  ? B 8  ? A 8  ? B 7  ? 
1 A DG 8  1_555 B C 7  1_555 A DG 9  1_555 B C 6  1_555 -0.126 -1.992 3.423 1.389  5.746  31.472 -4.642 0.478  3.014 10.478 -2.533 
32.009 8  AA_DG8DG9:C6C7_BB   A 8  ? B 7  ? A 9  ? B 6  ? 
1 A DG 9  1_555 B C 6  1_555 A DC 10 1_555 B G 5  1_555 -0.798 -1.449 3.074 -5.118 3.814  35.109 -2.883 0.610  2.988 6.259  8.398  
35.667 9  AA_DG9DC10:G5C6_BB  A 9  ? B 6  ? A 10 ? B 5  ? 
1 A DC 10 1_555 B G 5  1_555 A DA 11 1_555 B U 4  1_555 0.328  -1.613 2.995 0.102  10.722 28.134 -4.931 -0.616 2.244 21.110 -0.202 
30.069 10 AA_DC10DA11:U4G5_BB A 10 ? B 5  ? A 11 ? B 4  ? 
1 A DA 11 1_555 B U 4  1_555 A DA 12 1_555 B U 3  1_555 -0.208 -1.066 3.016 2.060  2.706  32.266 -2.339 0.700  2.900 4.853  -3.694 
32.440 11 AA_DA11DA12:U3U4_BB A 11 ? B 4  ? A 12 ? B 3  ? 
1 A DA 12 1_555 B U 3  1_555 A DC 13 1_555 B G 2  1_555 0.869  -1.487 3.148 5.482  4.221  33.919 -3.122 -0.653 3.046 7.143  -9.277 
34.597 12 AA_DA12DC13:G2U3_BB A 12 ? B 3  ? A 13 ? B 2  ? 
# 
_atom_sites.entry_id                    6AR5 
_atom_sites.fract_transf_matrix[1][1]   -0.01169286 
_atom_sites.fract_transf_matrix[1][2]   0.00751203 
_atom_sites.fract_transf_matrix[1][3]   -0.02062533 
_atom_sites.fract_transf_matrix[2][1]   0.00442085 
_atom_sites.fract_transf_matrix[2][2]   0.02266062 
_atom_sites.fract_transf_matrix[2][3]   -0.00924765 
_atom_sites.fract_transf_matrix[3][1]   0.00903688 
_atom_sites.fract_transf_matrix[3][2]   -0.00452652 
_atom_sites.fract_transf_matrix[3][3]   -0.00677178 
_atom_sites.fract_transf_vector[1]      0.459064 
_atom_sites.fract_transf_vector[2]      -0.147972 
_atom_sites.fract_transf_vector[3]      0.067761 
# 
loop_
_atom_type.symbol 
C 
N 
O 
P 
# 
loop_
_atom_site.group_PDB 
_atom_site.id 
_atom_site.type_symbol 
_atom_site.label_atom_id 
_atom_site.label_alt_id 
_atom_site.label_comp_id 
_atom_site.label_asym_id 
_atom_site.label_entity_id 
_atom_site.label_seq_id 
_atom_site.pdbx_PDB_ins_code 
_atom_site.Cartn_x 
_atom_site.Cartn_y 
_atom_site.Cartn_z 
_atom_site.occupancy 
_atom_site.B_iso_or_equiv 
_atom_site.pdbx_formal_charge 
_atom_site.auth_seq_id 
_atom_site.auth_comp_id 
_atom_site.auth_asym_id 
_atom_site.auth_atom_id 
_atom_site.pdbx_PDB_model_num 
ATOM   1   O "O5'" . DG  A 1 1  ? -8.610  12.577  2.787   1.00 43.78 ? 1   DG  A "O5'" 1 
ATOM   2   C "C5'" . DG  A 1 1  ? -9.368  12.368  1.609   1.00 40.26 ? 1   DG  A "C5'" 1 
ATOM   3   C "C4'" . DG  A 1 1  ? -8.825  13.198  0.453   1.00 42.32 ? 1   DG  A "C4'" 1 
ATOM   4   O "O4'" . DG  A 1 1  ? -8.361  14.483  0.933   1.00 43.61 ? 1   DG  A "O4'" 1 
ATOM   5   C "C3'" . DG  A 1 1  ? -7.626  12.608  -0.252  1.00 39.75 ? 1   DG  A "C3'" 1 
ATOM   6   O "O3'" . DG  A 1 1  ? -8.056  11.698  -1.201  1.00 44.79 ? 1   DG  A "O3'" 1 
ATOM   7   C "C2'" . DG  A 1 1  ? -7.029  13.838  -0.914  1.00 45.08 ? 1   DG  A "C2'" 1 
ATOM   8   C "C1'" . DG  A 1 1  ? -7.247  14.901  0.164   1.00 40.38 ? 1   DG  A "C1'" 1 
ATOM   9   N N9    . DG  A 1 1  ? -6.108  15.040  1.049   1.00 40.04 ? 1   DG  A N9    1 
ATOM   10  C C8    . DG  A 1 1  ? -6.059  14.760  2.385   1.00 37.04 ? 1   DG  A C8    1 
ATOM   11  N N7    . DG  A 1 1  ? -4.887  14.973  2.913   1.00 36.13 ? 1   DG  A N7    1 
ATOM   12  C C5    . DG  A 1 1  ? -4.113  15.419  1.859   1.00 37.14 ? 1   DG  A C5    1 
ATOM   13  C C6    . DG  A 1 1  ? -2.755  15.805  1.825   1.00 42.38 ? 1   DG  A C6    1 
ATOM   14  O O6    . DG  A 1 1  ? -1.943  15.831  2.758   1.00 37.75 ? 1   DG  A O6    1 
ATOM   15  N N1    . DG  A 1 1  ? -2.358  16.193  0.542   1.00 46.35 ? 1   DG  A N1    1 
ATOM   16  C C2    . DG  A 1 1  ? -3.180  16.202  -0.565  1.00 44.23 ? 1   DG  A C2    1 
ATOM   17  N N2    . DG  A 1 1  ? -2.624  16.603  -1.722  1.00 41.85 ? 1   DG  A N2    1 
ATOM   18  N N3    . DG  A 1 1  ? -4.455  15.841  -0.538  1.00 42.03 ? 1   DG  A N3    1 
ATOM   19  C C4    . DG  A 1 1  ? -4.849  15.460  0.701   1.00 38.36 ? 1   DG  A C4    1 
ATOM   20  P P     . DT  A 1 2  ? -7.134  10.446  -1.578  1.00 47.91 ? 2   DT  A P     1 
ATOM   21  O OP1   . DT  A 1 2  ? -7.979  9.496   -2.334  1.00 38.48 ? 2   DT  A OP1   1 
ATOM   22  O OP2   . DT  A 1 2  ? -6.450  10.069  -0.316  1.00 42.20 ? 2   DT  A OP2   1 
ATOM   23  O "O5'" . DT  A 1 2  ? -6.026  11.054  -2.564  1.00 47.87 ? 2   DT  A "O5'" 1 
ATOM   24  C "C5'" . DT  A 1 2  ? -6.397  11.628  -3.799  1.00 41.68 ? 2   DT  A "C5'" 1 
ATOM   25  C "C4'" . DT  A 1 2  ? -5.183  12.245  -4.481  1.00 39.32 ? 2   DT  A "C4'" 1 
ATOM   26  O "O4'" . DT  A 1 2  ? -4.702  13.371  -3.710  1.00 39.26 ? 2   DT  A "O4'" 1 
ATOM   27  C "C3'" . DT  A 1 2  ? -3.979  11.338  -4.570  1.00 40.47 ? 2   DT  A "C3'" 1 
ATOM   28  O "O3'" . DT  A 1 2  ? -4.113  10.457  -5.668  1.00 44.50 ? 2   DT  A "O3'" 1 
ATOM   29  C "C2'" . DT  A 1 2  ? -2.860  12.343  -4.778  1.00 39.24 ? 2   DT  A "C2'" 1 
ATOM   30  C "C1'" . DT  A 1 2  ? -3.288  13.462  -3.838  1.00 33.79 ? 2   DT  A "C1'" 1 
ATOM   31  N N1    . DT  A 1 2  ? -2.691  13.341  -2.493  1.00 35.30 ? 2   DT  A N1    1 
ATOM   32  C C2    . DT  A 1 2  ? -1.430  13.813  -2.282  1.00 36.69 ? 2   DT  A C2    1 
ATOM   33  O O2    . DT  A 1 2  ? -0.773  14.339  -3.139  1.00 45.58 ? 2   DT  A O2    1 
ATOM   34  N N3    . DT  A 1 2  ? -0.959  13.655  -1.017  1.00 38.93 ? 2   DT  A N3    1 
ATOM   35  C C4    . DT  A 1 2  ? -1.606  13.067  0.038   1.00 36.20 ? 2   DT  A C4    1 
ATOM   36  O O4    . DT  A 1 2  ? -1.091  12.977  1.136   1.00 43.40 ? 2   DT  A O4    1 
ATOM   37  C C5    . DT  A 1 2  ? -2.936  12.574  -0.244  1.00 40.16 ? 2   DT  A C5    1 
ATOM   38  C C7    . DT  A 1 2  ? -3.749  11.911  0.831   1.00 32.77 ? 2   DT  A C7    1 
ATOM   39  C C6    . DT  A 1 2  ? -3.408  12.731  -1.485  1.00 39.21 ? 2   DT  A C6    1 
ATOM   40  P P     . DC  A 1 3  ? -3.438  9.005   -5.586  1.00 39.47 ? 3   DC  A P     1 
ATOM   41  O OP1   . DC  A 1 3  ? -3.768  8.272   -6.829  1.00 42.67 ? 3   DC  A OP1   1 
ATOM   42  O OP2   . DC  A 1 3  ? -3.751  8.426   -4.255  1.00 37.44 ? 3   DC  A OP2   1 
ATOM   43  O "O5'" . DC  A 1 3  ? -1.891  9.332   -5.552  1.00 35.46 ? 3   DC  A "O5'" 1 
ATOM   44  C "C5'" . DC  A 1 3  ? -1.248  9.812   -6.699  1.00 35.41 ? 3   DC  A "C5'" 1 
ATOM   45  C "C4'" . DC  A 1 3  ? 0.218   10.080  -6.409  1.00 38.44 ? 3   DC  A "C4'" 1 
ATOM   46  O "O4'" . DC  A 1 3  ? 0.338   11.093  -5.387  1.00 37.35 ? 3   DC  A "O4'" 1 
ATOM   47  C "C3'" . DC  A 1 3  ? 0.980   8.915   -5.834  1.00 33.33 ? 3   DC  A "C3'" 1 
ATOM   48  O "O3'" . DC  A 1 3  ? 1.343   7.997   -6.865  1.00 42.14 ? 3   DC  A "O3'" 1 
ATOM   49  C "C2'" . DC  A 1 3  ? 2.193   9.638   -5.272  1.00 39.77 ? 3   DC  A "C2'" 1 
ATOM   50  C "C1'" . DC  A 1 3  ? 1.548   10.896  -4.685  1.00 37.47 ? 3   DC  A "C1'" 1 
ATOM   51  N N1    . DC  A 1 3  ? 1.261   10.759  -3.224  1.00 35.65 ? 3   DC  A N1    1 
ATOM   52  C C2    . DC  A 1 3  ? 2.289   10.992  -2.307  1.00 38.92 ? 3   DC  A C2    1 
ATOM   53  O O2    . DC  A 1 3  ? 3.403   11.347  -2.732  1.00 36.99 ? 3   DC  A O2    1 
ATOM   54  N N3    . DC  A 1 3  ? 2.034   10.845  -0.978  1.00 35.91 ? 3   DC  A N3    1 
ATOM   55  C C4    . DC  A 1 3  ? 0.825   10.467  -0.571  1.00 37.91 ? 3   DC  A C4    1 
ATOM   56  N N4    . DC  A 1 3  ? 0.621   10.328  0.745   1.00 34.21 ? 3   DC  A N4    1 
ATOM   57  C C5    . DC  A 1 3  ? -0.229  10.207  -1.496  1.00 38.80 ? 3   DC  A C5    1 
ATOM   58  C C6    . DC  A 1 3  ? 0.034   10.364  -2.799  1.00 34.54 ? 3   DC  A C6    1 
ATOM   59  P P     . DT  A 1 4  ? 1.696   6.472   -6.497  1.00 36.90 ? 4   DT  A P     1 
ATOM   60  O OP1   . DT  A 1 4  ? 1.695   5.680   -7.748  1.00 43.47 ? 4   DT  A OP1   1 
ATOM   61  O OP2   . DT  A 1 4  ? 0.840   6.085   -5.362  1.00 42.50 ? 4   DT  A OP2   1 
ATOM   62  O "O5'" . DT  A 1 4  ? 3.193   6.556   -5.957  1.00 37.80 ? 4   DT  A "O5'" 1 
ATOM   63  C "C5'" . DT  A 1 4  ? 4.230   6.910   -6.833  1.00 35.96 ? 4   DT  A "C5'" 1 
ATOM   64  C "C4'" . DT  A 1 4  ? 5.545   7.003   -6.084  1.00 38.70 ? 4   DT  A "C4'" 1 
ATOM   65  O "O4'" . DT  A 1 4  ? 5.476   8.067   -5.115  1.00 36.63 ? 4   DT  A "O4'" 1 
ATOM   66  C "C3'" . DT  A 1 4  ? 5.920   5.795   -5.249  1.00 35.46 ? 4   DT  A "C3'" 1 
ATOM   67  O "O3'" . DT  A 1 4  ? 6.487   4.793   -6.056  1.00 40.19 ? 4   DT  A "O3'" 1 
ATOM   68  C "C2'" . DT  A 1 4  ? 6.954   6.410   -4.329  1.00 33.17 ? 4   DT  A "C2'" 1 
ATOM   69  C "C1'" . DT  A 1 4  ? 6.291   7.742   -4.006  1.00 35.98 ? 4   DT  A "C1'" 1 
ATOM   70  N N1    . DT  A 1 4  ? 5.438   7.692   -2.777  1.00 35.12 ? 4   DT  A N1    1 
ATOM   71  C C2    . DT  A 1 4  ? 6.029   7.902   -1.558  1.00 36.16 ? 4   DT  A C2    1 
ATOM   72  O O2    . DT  A 1 4  ? 7.212   8.137   -1.437  1.00 34.59 ? 4   DT  A O2    1 
ATOM   73  N N3    . DT  A 1 4  ? 5.174   7.848   -0.478  1.00 34.15 ? 4   DT  A N3    1 
ATOM   74  C C4    . DT  A 1 4  ? 3.815   7.594   -0.508  1.00 34.35 ? 4   DT  A C4    1 
ATOM   75  O O4    . DT  A 1 4  ? 3.136   7.559   0.514   1.00 33.09 ? 4   DT  A O4    1 
ATOM   76  C C5    . DT  A 1 4  ? 3.256   7.369   -1.831  1.00 31.62 ? 4   DT  A C5    1 
ATOM   77  C C7    . DT  A 1 4  ? 1.802   7.083   -2.003  1.00 31.34 ? 4   DT  A C7    1 
ATOM   78  C C6    . DT  A 1 4  ? 4.083   7.431   -2.884  1.00 34.29 ? 4   DT  A C6    1 
ATOM   79  P P     . DC  A 1 5  ? 6.340   3.255   -5.630  1.00 40.49 ? 5   DC  A P     1 
ATOM   80  O OP1   . DC  A 1 5  ? 6.928   2.461   -6.731  1.00 41.74 ? 5   DC  A OP1   1 
ATOM   81  O OP2   . DC  A 1 5  ? 4.937   3.011   -5.237  1.00 36.77 ? 5   DC  A OP2   1 
ATOM   82  O "O5'" . DC  A 1 5  ? 7.241   3.144   -4.318  1.00 30.42 ? 5   DC  A "O5'" 1 
ATOM   83  C "C5'" . DC  A 1 5  ? 8.624   3.241   -4.441  1.00 31.40 ? 5   DC  A "C5'" 1 
ATOM   84  C "C4'" . DC  A 1 5  ? 9.262   3.405   -3.092  1.00 36.23 ? 5   DC  A "C4'" 1 
ATOM   85  O "O4'" . DC  A 1 5  ? 8.698   4.576   -2.443  1.00 39.12 ? 5   DC  A "O4'" 1 
ATOM   86  C "C3'" . DC  A 1 5  ? 9.002   2.288   -2.098  1.00 35.60 ? 5   DC  A "C3'" 1 
ATOM   87  O "O3'" . DC  A 1 5  ? 9.866   1.175   -2.341  1.00 42.27 ? 5   DC  A "O3'" 1 
ATOM   88  C "C2'" . DC  A 1 5  ? 9.362   3.008   -0.804  1.00 39.82 ? 5   DC  A "C2'" 1 
ATOM   89  C "C1'" . DC  A 1 5  ? 8.692   4.368   -1.043  1.00 37.89 ? 5   DC  A "C1'" 1 
ATOM   90  N N1    . DC  A 1 5  ? 7.295   4.392   -0.565  1.00 33.96 ? 5   DC  A N1    1 
ATOM   91  C C2    . DC  A 1 5  ? 7.064   4.542   0.803   1.00 34.08 ? 5   DC  A C2    1 
ATOM   92  O O2    . DC  A 1 5  ? 8.037   4.669   1.559   1.00 36.24 ? 5   DC  A O2    1 
ATOM   93  N N3    . DC  A 1 5  ? 5.785   4.556   1.263   1.00 31.87 ? 5   DC  A N3    1 
ATOM   94  C C4    . DC  A 1 5  ? 4.769   4.412   0.414   1.00 32.54 ? 5   DC  A C4    1 
ATOM   95  N N4    . DC  A 1 5  ? 3.534   4.427   0.918   1.00 29.64 ? 5   DC  A N4    1 
ATOM   96  C C5    . DC  A 1 5  ? 4.984   4.250   -0.996  1.00 31.29 ? 5   DC  A C5    1 
ATOM   97  C C6    . DC  A 1 5  ? 6.258   4.246   -1.437  1.00 31.06 ? 5   DC  A C6    1 
ATOM   98  P P     . DC  A 1 6  ? 9.390   -0.332  -2.003  1.00 40.60 ? 6   DC  A P     1 
ATOM   99  O OP1   . DC  A 1 6  ? 10.458  -1.250  -2.465  1.00 47.74 ? 6   DC  A OP1   1 
ATOM   100 O OP2   . DC  A 1 6  ? 8.010   -0.483  -2.501  1.00 34.10 ? 6   DC  A OP2   1 
ATOM   101 O "O5'" . DC  A 1 6  ? 9.444   -0.410  -0.409  1.00 35.74 ? 6   DC  A "O5'" 1 
ATOM   102 C "C5'" . DC  A 1 6  ? 10.693  -0.350  0.246   1.00 33.38 ? 6   DC  A "C5'" 1 
ATOM   103 C "C4'" . DC  A 1 6  ? 10.510  -0.366  1.747   1.00 40.08 ? 6   DC  A "C4'" 1 
ATOM   104 O "O4'" . DC  A 1 6  ? 9.800   0.826   2.144   1.00 40.13 ? 6   DC  A "O4'" 1 
ATOM   105 C "C3'" . DC  A 1 6  ? 9.640   -1.492  2.292   1.00 40.65 ? 6   DC  A "C3'" 1 
ATOM   106 O "O3'" . DC  A 1 6  ? 10.383  -2.675  2.432   1.00 40.42 ? 6   DC  A "O3'" 1 
ATOM   107 C "C2'" . DC  A 1 6  ? 9.281   -0.923  3.644   1.00 40.24 ? 6   DC  A "C2'" 1 
ATOM   108 C "C1'" . DC  A 1 6  ? 9.030   0.543   3.293   1.00 39.89 ? 6   DC  A "C1'" 1 
ATOM   109 N N1    . DC  A 1 6  ? 7.601   0.819   3.012   1.00 38.87 ? 6   DC  A N1    1 
ATOM   110 C C2    . DC  A 1 6  ? 6.734   0.962   4.083   1.00 35.43 ? 6   DC  A C2    1 
ATOM   111 O O2    . DC  A 1 6  ? 7.194   0.890   5.225   1.00 38.63 ? 6   DC  A O2    1 
ATOM   112 N N3    . DC  A 1 6  ? 5.425   1.192   3.848   1.00 34.19 ? 6   DC  A N3    1 
ATOM   113 C C4    . DC  A 1 6  ? 4.979   1.267   2.600   1.00 35.74 ? 6   DC  A C4    1 
ATOM   114 N N4    . DC  A 1 6  ? 3.668   1.501   2.414   1.00 34.05 ? 6   DC  A N4    1 
ATOM   115 C C5    . DC  A 1 6  ? 5.849   1.101   1.484   1.00 30.13 ? 6   DC  A C5    1 
ATOM   116 C C6    . DC  A 1 6  ? 7.143   0.878   1.733   1.00 35.13 ? 6   DC  A C6    1 
ATOM   117 P P     . DA  A 1 7  ? 9.668   -4.117  2.348   1.00 44.54 ? 7   DA  A P     1 
ATOM   118 O OP1   . DA  A 1 7  ? 10.768  -5.088  2.112   1.00 53.60 ? 7   DA  A OP1   1 
ATOM   119 O OP2   . DA  A 1 7  ? 8.528   -4.059  1.410   1.00 40.03 ? 7   DA  A OP2   1 
ATOM   120 O "O5'" . DA  A 1 7  ? 9.085   -4.358  3.819   1.00 45.51 ? 7   DA  A "O5'" 1 
ATOM   121 C "C5'" . DA  A 1 7  ? 9.921   -4.207  4.966   1.00 41.23 ? 7   DA  A "C5'" 1 
ATOM   122 C "C4'" . DA  A 1 7  ? 9.129   -4.530  6.219   1.00 40.06 ? 7   DA  A "C4'" 1 
ATOM   123 O "O4'" . DA  A 1 7  ? 8.394   -3.363  6.652   1.00 43.66 ? 7   DA  A "O4'" 1 
ATOM   124 C "C3'" . DA  A 1 7  ? 8.070   -5.584  6.019   1.00 43.59 ? 7   DA  A "C3'" 1 
ATOM   125 O "O3'" . DA  A 1 7  ? 8.639   -6.832  6.169   1.00 40.87 ? 7   DA  A "O3'" 1 
ATOM   126 C "C2'" . DA  A 1 7  ? 7.083   -5.267  7.140   1.00 37.16 ? 7   DA  A "C2'" 1 
ATOM   127 C "C1'" . DA  A 1 7  ? 7.093   -3.745  7.096   1.00 42.43 ? 7   DA  A "C1'" 1 
ATOM   128 N N9    . DA  A 1 7  ? 6.106   -3.163  6.172   1.00 43.91 ? 7   DA  A N9    1 
ATOM   129 C C8    . DA  A 1 7  ? 6.308   -2.818  4.856   1.00 36.84 ? 7   DA  A C8    1 
ATOM   130 N N7    . DA  A 1 7  ? 5.248   -2.313  4.270   1.00 36.42 ? 7   DA  A N7    1 
ATOM   131 C C5    . DA  A 1 7  ? 4.283   -2.308  5.271   1.00 39.22 ? 7   DA  A C5    1 
ATOM   132 C C6    . DA  A 1 7  ? 2.939   -1.883  5.287   1.00 35.46 ? 7   DA  A C6    1 
ATOM   133 N N6    . DA  A 1 7  ? 2.328   -1.358  4.232   1.00 33.96 ? 7   DA  A N6    1 
ATOM   134 N N1    . DA  A 1 7  ? 2.245   -2.033  6.437   1.00 40.70 ? 7   DA  A N1    1 
ATOM   135 C C2    . DA  A 1 7  ? 2.871   -2.552  7.504   1.00 40.78 ? 7   DA  A C2    1 
ATOM   136 N N3    . DA  A 1 7  ? 4.137   -2.981  7.611   1.00 39.84 ? 7   DA  A N3    1 
ATOM   137 C C4    . DA  A 1 7  ? 4.793   -2.830  6.447   1.00 38.57 ? 7   DA  A C4    1 
ATOM   138 P P     . DG  A 1 8  ? 7.918   -8.098  5.515   1.00 44.86 ? 8   DG  A P     1 
ATOM   139 O OP1   . DG  A 1 8  ? 8.707   -9.271  5.960   1.00 55.21 ? 8   DG  A OP1   1 
ATOM   140 O OP2   . DG  A 1 8  ? 7.617   -7.824  4.089   1.00 44.98 ? 8   DG  A OP2   1 
ATOM   141 O "O5'" . DG  A 1 8  ? 6.522   -8.160  6.285   1.00 46.15 ? 8   DG  A "O5'" 1 
ATOM   142 C "C5'" . DG  A 1 8  ? 5.327   -8.399  5.590   1.00 37.16 ? 8   DG  A "C5'" 1 
ATOM   143 C "C4'" . DG  A 1 8  ? 4.156   -8.129  6.511   1.00 37.89 ? 8   DG  A "C4'" 1 
ATOM   144 O "O4'" . DG  A 1 8  ? 3.999   -6.698  6.680   1.00 37.59 ? 8   DG  A "O4'" 1 
ATOM   145 C "C3'" . DG  A 1 8  ? 2.819   -8.613  6.002   1.00 41.31 ? 8   DG  A "C3'" 1 
ATOM   146 O "O3'" . DG  A 1 8  ? 2.641   -9.993  6.332   1.00 31.94 ? 8   DG  A "O3'" 1 
ATOM   147 C "C2'" . DG  A 1 8  ? 1.874   -7.711  6.778   1.00 38.05 ? 8   DG  A "C2'" 1 
ATOM   148 C "C1'" . DG  A 1 8  ? 2.628   -6.375  6.708   1.00 39.23 ? 8   DG  A "C1'" 1 
ATOM   149 N N9    . DG  A 1 8  ? 2.286   -5.605  5.514   1.00 38.82 ? 8   DG  A N9    1 
ATOM   150 C C8    . DG  A 1 8  ? 3.064   -5.390  4.401   1.00 37.05 ? 8   DG  A C8    1 
ATOM   151 N N7    . DG  A 1 8  ? 2.460   -4.687  3.473   1.00 38.76 ? 8   DG  A N7    1 
ATOM   152 C C5    . DG  A 1 8  ? 1.192   -4.436  3.999   1.00 42.10 ? 8   DG  A C5    1 
ATOM   153 C C6    . DG  A 1 8  ? 0.085   -3.719  3.454   1.00 38.15 ? 8   DG  A C6    1 
ATOM   154 O O6    . DG  A 1 8  ? -0.003  -3.152  2.361   1.00 35.15 ? 8   DG  A O6    1 
ATOM   155 N N1    . DG  A 1 8  ? -1.002  -3.710  4.326   1.00 34.82 ? 8   DG  A N1    1 
ATOM   156 C C2    . DG  A 1 8  ? -1.025  -4.309  5.562   1.00 37.69 ? 8   DG  A C2    1 
ATOM   157 N N2    . DG  A 1 8  ? -2.162  -4.183  6.265   1.00 41.89 ? 8   DG  A N2    1 
ATOM   158 N N3    . DG  A 1 8  ? -0.006  -4.976  6.086   1.00 36.92 ? 8   DG  A N3    1 
ATOM   159 C C4    . DG  A 1 8  ? 1.070   -4.998  5.253   1.00 43.09 ? 8   DG  A C4    1 
ATOM   160 P P     . DG  A 1 9  ? 1.710   -10.920 5.408   1.00 39.20 ? 9   DG  A P     1 
ATOM   161 O OP1   . DG  A 1 9  ? 1.778   -12.311 5.920   1.00 38.43 ? 9   DG  A OP1   1 
ATOM   162 O OP2   . DG  A 1 9  ? 2.017   -10.614 3.989   1.00 36.17 ? 9   DG  A OP2   1 
ATOM   163 O "O5'" . DG  A 1 9  ? 0.234   -10.366 5.692   1.00 35.43 ? 9   DG  A "O5'" 1 
ATOM   164 C "C5'" . DG  A 1 9  ? -0.298  -10.466 6.984   1.00 33.17 ? 9   DG  A "C5'" 1 
ATOM   165 C "C4'" . DG  A 1 9  ? -1.579  -9.691  7.064   1.00 37.20 ? 9   DG  A "C4'" 1 
ATOM   166 O "O4'" . DG  A 1 9  ? -1.333  -8.320  6.680   1.00 39.02 ? 9   DG  A "O4'" 1 
ATOM   167 C "C3'" . DG  A 1 9  ? -2.651  -10.158 6.110   1.00 33.23 ? 9   DG  A "C3'" 1 
ATOM   168 O "O3'" . DG  A 1 9  ? -3.322  -11.218 6.678   1.00 33.72 ? 9   DG  A "O3'" 1 
ATOM   169 C "C2'" . DG  A 1 9  ? -3.532  -8.928  6.051   1.00 35.25 ? 9   DG  A "C2'" 1 
ATOM   170 C "C1'" . DG  A 1 9  ? -2.494  -7.804  6.070   1.00 35.91 ? 9   DG  A "C1'" 1 
ATOM   171 N N9    . DG  A 1 9  ? -2.142  -7.311  4.744   1.00 38.66 ? 9   DG  A N9    1 
ATOM   172 C C8    . DG  A 1 9  ? -0.954  -7.481  4.083   1.00 38.59 ? 9   DG  A C8    1 
ATOM   173 N N7    . DG  A 1 9  ? -0.930  -6.911  2.912   1.00 34.27 ? 9   DG  A N7    1 
ATOM   174 C C5    . DG  A 1 9  ? -2.186  -6.327  2.791   1.00 39.07 ? 9   DG  A C5    1 
ATOM   175 C C6    . DG  A 1 9  ? -2.741  -5.567  1.741   1.00 38.66 ? 9   DG  A C6    1 
ATOM   176 O O6    . DG  A 1 9  ? -2.214  -5.255  0.659   1.00 32.95 ? 9   DG  A O6    1 
ATOM   177 N N1    . DG  A 1 9  ? -4.044  -5.161  2.026   1.00 35.79 ? 9   DG  A N1    1 
ATOM   178 C C2    . DG  A 1 9  ? -4.717  -5.452  3.178   1.00 38.13 ? 9   DG  A C2    1 
ATOM   179 N N2    . DG  A 1 9  ? -5.973  -4.972  3.278   1.00 38.00 ? 9   DG  A N2    1 
ATOM   180 N N3    . DG  A 1 9  ? -4.207  -6.161  4.172   1.00 36.54 ? 9   DG  A N3    1 
ATOM   181 C C4    . DG  A 1 9  ? -2.941  -6.562  3.910   1.00 39.79 ? 9   DG  A C4    1 
ATOM   182 P P     . DC  A 1 10 ? -4.233  -12.193 5.798   1.00 32.89 ? 10  DC  A P     1 
ATOM   183 O OP1   . DC  A 1 10 ? -4.749  -13.235 6.728   1.00 37.61 ? 10  DC  A OP1   1 
ATOM   184 O OP2   . DC  A 1 10 ? -3.451  -12.537 4.592   1.00 43.04 ? 10  DC  A OP2   1 
ATOM   185 O "O5'" . DC  A 1 10 ? -5.469  -11.295 5.309   1.00 38.10 ? 10  DC  A "O5'" 1 
ATOM   186 C "C5'" . DC  A 1 10 ? -6.601  -11.096 6.146   1.00 34.32 ? 10  DC  A "C5'" 1 
ATOM   187 C "C4'" . DC  A 1 10 ? -7.668  -10.297 5.415   1.00 33.33 ? 10  DC  A "C4'" 1 
ATOM   188 O "O4'" . DC  A 1 10 ? -7.121  -9.013  5.003   1.00 33.29 ? 10  DC  A "O4'" 1 
ATOM   189 C "C3'" . DC  A 1 10 ? -8.144  -10.924 4.119   1.00 38.87 ? 10  DC  A "C3'" 1 
ATOM   190 O "O3'" . DC  A 1 10 ? -9.142  -11.879 4.363   1.00 37.66 ? 10  DC  A "O3'" 1 
ATOM   191 C "C2'" . DC  A 1 10 ? -8.695  -9.722  3.370   1.00 35.69 ? 10  DC  A "C2'" 1 
ATOM   192 C "C1'" . DC  A 1 10 ? -7.683  -8.639  3.746   1.00 37.13 ? 10  DC  A "C1'" 1 
ATOM   193 N N1    . DC  A 1 10 ? -6.586  -8.466  2.719   1.00 36.72 ? 10  DC  A N1    1 
ATOM   194 C C2    . DC  A 1 10 ? -6.859  -7.760  1.549   1.00 34.51 ? 10  DC  A C2    1 
ATOM   195 O O2    . DC  A 1 10 ? -7.974  -7.300  1.385   1.00 35.25 ? 10  DC  A O2    1 
ATOM   196 N N3    . DC  A 1 10 ? -5.887  -7.590  0.628   1.00 36.72 ? 10  DC  A N3    1 
ATOM   197 C C4    . DC  A 1 10 ? -4.683  -8.114  0.826   1.00 40.18 ? 10  DC  A C4    1 
ATOM   198 N N4    . DC  A 1 10 ? -3.761  -7.930  -0.130  1.00 33.52 ? 10  DC  A N4    1 
ATOM   199 C C5    . DC  A 1 10 ? -4.374  -8.856  2.012   1.00 36.96 ? 10  DC  A C5    1 
ATOM   200 C C6    . DC  A 1 10 ? -5.350  -9.009  2.922   1.00 37.99 ? 10  DC  A C6    1 
ATOM   201 P P     . DA  A 1 11 ? -9.222  -13.179 3.424   1.00 50.08 ? 11  DA  A P     1 
ATOM   202 O OP1   . DA  A 1 11 ? -10.267 -14.076 3.973   1.00 48.45 ? 11  DA  A OP1   1 
ATOM   203 O OP2   . DA  A 1 11 ? -7.836  -13.646 3.230   1.00 46.95 ? 11  DA  A OP2   1 
ATOM   204 O "O5'" . DA  A 1 11 ? -9.705  -12.618 1.997   1.00 43.57 ? 11  DA  A "O5'" 1 
ATOM   205 C "C5'" . DA  A 1 11 ? -10.938 -11.938 1.892   1.00 43.86 ? 11  DA  A "C5'" 1 
ATOM   206 C "C4'" . DA  A 1 11 ? -11.074 -11.256 0.548   1.00 45.04 ? 11  DA  A "C4'" 1 
ATOM   207 O "O4'" . DA  A 1 11 ? -10.074 -10.224 0.421   1.00 43.34 ? 11  DA  A "O4'" 1 
ATOM   208 C "C3'" . DA  A 1 11 ? -10.817 -12.135 -0.650  1.00 43.03 ? 11  DA  A "C3'" 1 
ATOM   209 O "O3'" . DA  A 1 11 ? -11.958 -12.917 -0.950  1.00 47.92 ? 11  DA  A "O3'" 1 
ATOM   210 C "C2'" . DA  A 1 11 ? -10.566 -11.090 -1.731  1.00 44.62 ? 11  DA  A "C2'" 1 
ATOM   211 C "C1'" . DA  A 1 11 ? -9.861  -9.972  -0.950  1.00 39.72 ? 11  DA  A "C1'" 1 
ATOM   212 N N9    . DA  A 1 11 ? -8.436  -9.925  -1.201  1.00 41.02 ? 11  DA  A N9    1 
ATOM   213 C C8    . DA  A 1 11 ? -7.441  -10.467 -0.433  1.00 39.18 ? 11  DA  A C8    1 
ATOM   214 N N7    . DA  A 1 11 ? -6.237  -10.279 -0.917  1.00 37.69 ? 11  DA  A N7    1 
ATOM   215 C C5    . DA  A 1 11 ? -6.462  -9.572  -2.096  1.00 42.61 ? 11  DA  A C5    1 
ATOM   216 C C6    . DA  A 1 11 ? -5.592  -9.070  -3.086  1.00 38.39 ? 11  DA  A C6    1 
ATOM   217 N N6    . DA  A 1 11 ? -4.270  -9.213  -3.034  1.00 37.01 ? 11  DA  A N6    1 
ATOM   218 N N1    . DA  A 1 11 ? -6.139  -8.415  -4.132  1.00 35.51 ? 11  DA  A N1    1 
ATOM   219 C C2    . DA  A 1 11 ? -7.474  -8.277  -4.181  1.00 40.49 ? 11  DA  A C2    1 
ATOM   220 N N3    . DA  A 1 11 ? -8.396  -8.702  -3.309  1.00 42.73 ? 11  DA  A N3    1 
ATOM   221 C C4    . DA  A 1 11 ? -7.814  -9.349  -2.283  1.00 40.68 ? 11  DA  A C4    1 
ATOM   222 P P     . DA  A 1 12 ? -11.800 -14.215 -1.891  1.00 46.83 ? 12  DA  A P     1 
ATOM   223 O OP1   . DA  A 1 12 ? -13.027 -15.034 -1.753  1.00 46.64 ? 12  DA  A OP1   1 
ATOM   224 O OP2   . DA  A 1 12 ? -10.477 -14.804 -1.591  1.00 49.21 ? 12  DA  A OP2   1 
ATOM   225 O "O5'" . DA  A 1 12 ? -11.715 -13.617 -3.376  1.00 44.90 ? 12  DA  A "O5'" 1 
ATOM   226 C "C5'" . DA  A 1 12 ? -12.860 -13.040 -4.005  1.00 41.32 ? 12  DA  A "C5'" 1 
ATOM   227 C "C4'" . DA  A 1 12 ? -12.443 -12.246 -5.237  1.00 46.60 ? 12  DA  A "C4'" 1 
ATOM   228 O "O4'" . DA  A 1 12 ? -11.421 -11.293 -4.873  1.00 43.16 ? 12  DA  A "O4'" 1 
ATOM   229 C "C3'" . DA  A 1 12 ? -11.793 -13.055 -6.345  1.00 47.41 ? 12  DA  A "C3'" 1 
ATOM   230 O "O3'" . DA  A 1 12 ? -12.765 -13.605 -7.165  1.00 50.62 ? 12  DA  A "O3'" 1 
ATOM   231 C "C2'" . DA  A 1 12 ? -11.027 -11.986 -7.092  1.00 46.76 ? 12  DA  A "C2'" 1 
ATOM   232 C "C1'" . DA  A 1 12 ? -10.527 -11.120 -5.963  1.00 43.43 ? 12  DA  A "C1'" 1 
ATOM   233 N N9    . DA  A 1 12 ? -9.180  -11.461 -5.543  1.00 42.69 ? 12  DA  A N9    1 
ATOM   234 C C8    . DA  A 1 12 ? -8.821  -12.313 -4.531  1.00 42.58 ? 12  DA  A C8    1 
ATOM   235 N N7    . DA  A 1 12 ? -7.523  -12.421 -4.375  1.00 42.06 ? 12  DA  A N7    1 
ATOM   236 C C5    . DA  A 1 12 ? -6.997  -11.585 -5.359  1.00 44.55 ? 12  DA  A C5    1 
ATOM   237 C C6    . DA  A 1 12 ? -5.673  -11.250 -5.721  1.00 39.70 ? 12  DA  A C6    1 
ATOM   238 N N6    . DA  A 1 12 ? -4.593  -11.751 -5.104  1.00 38.28 ? 12  DA  A N6    1 
ATOM   239 N N1    . DA  A 1 12 ? -5.502  -10.379 -6.746  1.00 36.61 ? 12  DA  A N1    1 
ATOM   240 C C2    . DA  A 1 12 ? -6.579  -9.893  -7.363  1.00 37.33 ? 12  DA  A C2    1 
ATOM   241 N N3    . DA  A 1 12 ? -7.867  -10.136 -7.112  1.00 43.20 ? 12  DA  A N3    1 
ATOM   242 C C4    . DA  A 1 12 ? -8.008  -10.993 -6.086  1.00 41.90 ? 12  DA  A C4    1 
ATOM   243 P P     . DC  A 1 13 ? -12.455 -14.953 -7.971  1.00 60.37 ? 13  DC  A P     1 
ATOM   244 O OP1   . DC  A 1 13 ? -13.697 -15.217 -8.735  1.00 60.21 ? 13  DC  A OP1   1 
ATOM   245 O OP2   . DC  A 1 13 ? -11.884 -15.971 -7.054  1.00 49.47 ? 13  DC  A OP2   1 
ATOM   246 O "O5'" . DC  A 1 13 ? -11.295 -14.537 -8.988  1.00 58.70 ? 13  DC  A "O5'" 1 
ATOM   247 C "C5'" . DC  A 1 13 ? -11.555 -13.589 -10.004 1.00 52.14 ? 13  DC  A "C5'" 1 
ATOM   248 C "C4'" . DC  A 1 13 ? -10.265 -13.198 -10.675 1.00 53.44 ? 13  DC  A "C4'" 1 
ATOM   249 O "O4'" . DC  A 1 13 ? -9.361  -12.635 -9.699  1.00 49.83 ? 13  DC  A "O4'" 1 
ATOM   250 C "C3'" . DC  A 1 13 ? -9.476  -14.352 -11.254 1.00 51.97 ? 13  DC  A "C3'" 1 
ATOM   251 C "C2'" . DC  A 1 13 ? -8.097  -13.717 -11.396 1.00 48.77 ? 13  DC  A "C2'" 1 
ATOM   252 C "C1'" . DC  A 1 13 ? -8.033  -12.803 -10.166 1.00 47.39 ? 13  DC  A "C1'" 1 
ATOM   253 N N1    . DC  A 1 13 ? -7.190  -13.357 -9.068  1.00 50.62 ? 13  DC  A N1    1 
ATOM   254 C C2    . DC  A 1 13 ? -5.845  -13.002 -9.009  1.00 42.10 ? 13  DC  A C2    1 
ATOM   255 O O2    . DC  A 1 13 ? -5.401  -12.218 -9.858  1.00 41.59 ? 13  DC  A O2    1 
ATOM   256 N N3    . DC  A 1 13 ? -5.072  -13.506 -8.012  1.00 39.33 ? 13  DC  A N3    1 
ATOM   257 C C4    . DC  A 1 13 ? -5.609  -14.335 -7.112  1.00 43.66 ? 13  DC  A C4    1 
ATOM   258 N N4    . DC  A 1 13 ? -4.814  -14.808 -6.140  1.00 40.92 ? 13  DC  A N4    1 
ATOM   259 C C5    . DC  A 1 13 ? -6.985  -14.716 -7.165  1.00 41.21 ? 13  DC  A C5    1 
ATOM   260 C C6    . DC  A 1 13 ? -7.732  -14.208 -8.146  1.00 44.19 ? 13  DC  A C6    1 
ATOM   261 O "O5'" . U   B 2 1  ? 8.646   -14.962 -5.681  1.00 69.71 ? 1   U   B "O5'" 1 
ATOM   262 C "C5'" . U   B 2 1  ? 7.835   -14.508 -6.767  1.00 58.23 ? 1   U   B "C5'" 1 
ATOM   263 C "C4'" . U   B 2 1  ? 6.448   -14.143 -6.302  1.00 54.96 ? 1   U   B "C4'" 1 
ATOM   264 O "O4'" . U   B 2 1  ? 5.793   -15.323 -5.766  1.00 52.29 ? 1   U   B "O4'" 1 
ATOM   265 C "C3'" . U   B 2 1  ? 6.385   -13.093 -5.183  1.00 59.64 ? 1   U   B "C3'" 1 
ATOM   266 O "O3'" . U   B 2 1  ? 5.171   -12.373 -5.327  1.00 49.78 ? 1   U   B "O3'" 1 
ATOM   267 C "C2'" . U   B 2 1  ? 6.253   -13.958 -3.942  1.00 57.76 ? 1   U   B "C2'" 1 
ATOM   268 O "O2'" . U   B 2 1  ? 5.730   -13.309 -2.801  1.00 59.94 ? 1   U   B "O2'" 1 
ATOM   269 C "C1'" . U   B 2 1  ? 5.306   -15.017 -4.472  1.00 61.97 ? 1   U   B "C1'" 1 
ATOM   270 N N1    . U   B 2 1  ? 5.194   -16.223 -3.641  1.00 68.38 ? 1   U   B N1    1 
ATOM   271 C C2    . U   B 2 1  ? 3.956   -16.388 -3.020  1.00 65.86 ? 1   U   B C2    1 
ATOM   272 O O2    . U   B 2 1  ? 3.019   -15.598 -3.167  1.00 57.19 ? 1   U   B O2    1 
ATOM   273 N N3    . U   B 2 1  ? 3.867   -17.521 -2.235  1.00 66.23 ? 1   U   B N3    1 
ATOM   274 C C4    . U   B 2 1  ? 4.869   -18.458 -2.018  1.00 63.47 ? 1   U   B C4    1 
ATOM   275 O O4    . U   B 2 1  ? 4.639   -19.419 -1.286  1.00 66.22 ? 1   U   B O4    1 
ATOM   276 C C5    . U   B 2 1  ? 6.114   -18.203 -2.692  1.00 59.50 ? 1   U   B C5    1 
ATOM   277 C C6    . U   B 2 1  ? 6.238   -17.112 -3.461  1.00 62.04 ? 1   U   B C6    1 
ATOM   278 P P     . G   B 2 2  ? 5.185   -10.791 -5.538  1.00 47.39 ? 2   G   B P     1 
ATOM   279 O OP1   . G   B 2 2  ? 6.602   -10.338 -5.554  1.00 52.66 ? 2   G   B OP1   1 
ATOM   280 O OP2   . G   B 2 2  ? 4.184   -10.184 -4.631  1.00 46.23 ? 2   G   B OP2   1 
ATOM   281 O "O5'" . G   B 2 2  ? 4.625   -10.623 -7.011  1.00 42.59 ? 2   G   B "O5'" 1 
ATOM   282 C "C5'" . G   B 2 2  ? 5.426   -10.957 -8.128  1.00 44.23 ? 2   G   B "C5'" 1 
ATOM   283 C "C4'" . G   B 2 2  ? 4.576   -11.085 -9.360  1.00 42.74 ? 2   G   B "C4'" 1 
ATOM   284 O "O4'" . G   B 2 2  ? 3.892   -12.361 -9.334  1.00 42.97 ? 2   G   B "O4'" 1 
ATOM   285 C "C3'" . G   B 2 2  ? 3.463   -10.055 -9.471  1.00 39.31 ? 2   G   B "C3'" 1 
ATOM   286 O "O3'" . G   B 2 2  ? 3.920   -8.849  -10.059 1.00 38.35 ? 2   G   B "O3'" 1 
ATOM   287 C "C2'" . G   B 2 2  ? 2.399   -10.783 -10.282 1.00 39.25 ? 2   G   B "C2'" 1 
ATOM   288 O "O2'" . G   B 2 2  ? 2.717   -10.768 -11.666 1.00 38.75 ? 2   G   B "O2'" 1 
ATOM   289 C "C1'" . G   B 2 2  ? 2.572   -12.216 -9.796  1.00 36.50 ? 2   G   B "C1'" 1 
ATOM   290 N N9    . G   B 2 2  ? 1.666   -12.587 -8.700  1.00 39.62 ? 2   G   B N9    1 
ATOM   291 C C8    . G   B 2 2  ? 2.052   -12.961 -7.437  1.00 39.58 ? 2   G   B C8    1 
ATOM   292 N N7    . G   B 2 2  ? 1.041   -13.268 -6.668  1.00 37.52 ? 2   G   B N7    1 
ATOM   293 C C5    . G   B 2 2  ? -0.073  -13.099 -7.477  1.00 36.92 ? 2   G   B C5    1 
ATOM   294 C C6    . G   B 2 2  ? -1.449  -13.294 -7.192  1.00 34.69 ? 2   G   B C6    1 
ATOM   295 O O6    . G   B 2 2  ? -1.962  -13.666 -6.130  1.00 36.19 ? 2   G   B O6    1 
ATOM   296 N N1    . G   B 2 2  ? -2.242  -13.013 -8.302  1.00 37.66 ? 2   G   B N1    1 
ATOM   297 C C2    . G   B 2 2  ? -1.771  -12.597 -9.530  1.00 37.96 ? 2   G   B C2    1 
ATOM   298 N N2    . G   B 2 2  ? -2.684  -12.372 -10.482 1.00 32.67 ? 2   G   B N2    1 
ATOM   299 N N3    . G   B 2 2  ? -0.492  -12.413 -9.808  1.00 35.59 ? 2   G   B N3    1 
ATOM   300 C C4    . G   B 2 2  ? 0.295   -12.686 -8.744  1.00 39.51 ? 2   G   B C4    1 
ATOM   301 P P     . U   B 2 3  ? 3.267   -7.444  -9.648  1.00 38.55 ? 3   U   B P     1 
ATOM   302 O OP1   . U   B 2 3  ? 3.985   -6.371  -10.374 1.00 39.18 ? 3   U   B OP1   1 
ATOM   303 O OP2   . U   B 2 3  ? 3.190   -7.443  -8.158  1.00 45.36 ? 3   U   B OP2   1 
ATOM   304 O "O5'" . U   B 2 3  ? 1.783   -7.519  -10.226 1.00 36.78 ? 3   U   B "O5'" 1 
ATOM   305 C "C5'" . U   B 2 3  ? 1.544   -7.446  -11.617 1.00 30.48 ? 3   U   B "C5'" 1 
ATOM   306 C "C4'" . U   B 2 3  ? 0.072   -7.461  -11.929 1.00 38.15 ? 3   U   B "C4'" 1 
ATOM   307 O "O4'" . U   B 2 3  ? -0.489  -8.750  -11.572 1.00 40.56 ? 3   U   B "O4'" 1 
ATOM   308 C "C3'" . U   B 2 3  ? -0.785  -6.460  -11.170 1.00 36.36 ? 3   U   B "C3'" 1 
ATOM   309 O "O3'" . U   B 2 3  ? -0.755  -5.168  -11.750 1.00 39.40 ? 3   U   B "O3'" 1 
ATOM   310 C "C2'" . U   B 2 3  ? -2.155  -7.104  -11.227 1.00 38.72 ? 3   U   B "C2'" 1 
ATOM   311 O "O2'" . U   B 2 3  ? -2.730  -6.908  -12.506 1.00 34.21 ? 3   U   B "O2'" 1 
ATOM   312 C "C1'" . U   B 2 3  ? -1.800  -8.582  -11.094 1.00 35.85 ? 3   U   B "C1'" 1 
ATOM   313 N N1    . U   B 2 3  ? -1.847  -9.047  -9.691  1.00 40.47 ? 3   U   B N1    1 
ATOM   314 C C2    . U   B 2 3  ? -3.093  -9.318  -9.171  1.00 36.35 ? 3   U   B C2    1 
ATOM   315 O O2    . U   B 2 3  ? -4.101  -9.174  -9.834  1.00 36.58 ? 3   U   B O2    1 
ATOM   316 N N3    . U   B 2 3  ? -3.099  -9.766  -7.872  1.00 37.45 ? 3   U   B N3    1 
ATOM   317 C C4    . U   B 2 3  ? -1.993  -9.953  -7.060  1.00 37.95 ? 3   U   B C4    1 
ATOM   318 O O4    . U   B 2 3  ? -2.140  -10.361 -5.905  1.00 36.65 ? 3   U   B O4    1 
ATOM   319 C C5    . U   B 2 3  ? -0.739  -9.647  -7.671  1.00 32.84 ? 3   U   B C5    1 
ATOM   320 C C6    . U   B 2 3  ? -0.713  -9.220  -8.935  1.00 39.00 ? 3   U   B C6    1 
ATOM   321 P P     . U   B 2 4  ? -0.842  -3.846  -10.833 1.00 41.48 ? 4   U   B P     1 
ATOM   322 O OP1   . U   B 2 4  ? -0.521  -2.678  -11.676 1.00 43.60 ? 4   U   B OP1   1 
ATOM   323 O OP2   . U   B 2 4  ? -0.073  -4.065  -9.578  1.00 49.91 ? 4   U   B OP2   1 
ATOM   324 O "O5'" . U   B 2 4  ? -2.372  -3.764  -10.425 1.00 41.20 ? 4   U   B "O5'" 1 
ATOM   325 C "C5'" . U   B 2 4  ? -3.382  -3.722  -11.417 1.00 40.96 ? 4   U   B "C5'" 1 
ATOM   326 C "C4'" . U   B 2 4  ? -4.733  -3.959  -10.804 1.00 41.50 ? 4   U   B "C4'" 1 
ATOM   327 O "O4'" . U   B 2 4  ? -4.832  -5.340  -10.369 1.00 40.17 ? 4   U   B "O4'" 1 
ATOM   328 C "C3'" . U   B 2 4  ? -5.034  -3.170  -9.540  1.00 37.68 ? 4   U   B "C3'" 1 
ATOM   329 O "O3'" . U   B 2 4  ? -5.414  -1.825  -9.772  1.00 40.85 ? 4   U   B "O3'" 1 
ATOM   330 C "C2'" . U   B 2 4  ? -6.125  -4.000  -8.895  1.00 39.05 ? 4   U   B "C2'" 1 
ATOM   331 O "O2'" . U   B 2 4  ? -7.363  -3.785  -9.555  1.00 40.45 ? 4   U   B "O2'" 1 
ATOM   332 C "C1'" . U   B 2 4  ? -5.642  -5.414  -9.212  1.00 39.49 ? 4   U   B "C1'" 1 
ATOM   333 N N1    . U   B 2 4  ? -4.849  -5.986  -8.102  1.00 36.65 ? 4   U   B N1    1 
ATOM   334 C C2    . U   B 2 4  ? -5.570  -6.585  -7.087  1.00 36.13 ? 4   U   B C2    1 
ATOM   335 O O2    . U   B 2 4  ? -6.784  -6.637  -7.094  1.00 38.56 ? 4   U   B O2    1 
ATOM   336 N N3    . U   B 2 4  ? -4.823  -7.113  -6.062  1.00 39.17 ? 4   U   B N3    1 
ATOM   337 C C4    . U   B 2 4  ? -3.445  -7.101  -5.962  1.00 38.81 ? 4   U   B C4    1 
ATOM   338 O O4    . U   B 2 4  ? -2.927  -7.622  -4.980  1.00 38.24 ? 4   U   B O4    1 
ATOM   339 C C5    . U   B 2 4  ? -2.753  -6.461  -7.053  1.00 38.22 ? 4   U   B C5    1 
ATOM   340 C C6    . U   B 2 4  ? -3.468  -5.932  -8.063  1.00 39.50 ? 4   U   B C6    1 
ATOM   341 P P     . G   B 2 5  ? -5.062  -0.714  -8.667  1.00 44.36 ? 5   G   B P     1 
ATOM   342 O OP1   . G   B 2 5  ? -5.328  0.629   -9.247  1.00 43.21 ? 5   G   B OP1   1 
ATOM   343 O OP2   . G   B 2 5  ? -3.714  -1.005  -8.090  1.00 46.04 ? 5   G   B OP2   1 
ATOM   344 O "O5'" . G   B 2 5  ? -6.159  -0.974  -7.549  1.00 38.87 ? 5   G   B "O5'" 1 
ATOM   345 C "C5'" . G   B 2 5  ? -7.521  -0.753  -7.856  1.00 41.56 ? 5   G   B "C5'" 1 
ATOM   346 C "C4'" . G   B 2 5  ? -8.437  -1.333  -6.812  1.00 47.86 ? 5   G   B "C4'" 1 
ATOM   347 O "O4'" . G   B 2 5  ? -8.208  -2.765  -6.695  1.00 43.68 ? 5   G   B "O4'" 1 
ATOM   348 C "C3'" . G   B 2 5  ? -8.261  -0.827  -5.387  1.00 42.25 ? 5   G   B "C3'" 1 
ATOM   349 O "O3'" . G   B 2 5  ? -8.824  0.451   -5.139  1.00 37.82 ? 5   G   B "O3'" 1 
ATOM   350 C "C2'" . G   B 2 5  ? -8.916  -1.935  -4.589  1.00 42.53 ? 5   G   B "C2'" 1 
ATOM   351 O "O2'" . G   B 2 5  ? -10.321 -1.853  -4.721  1.00 43.12 ? 5   G   B "O2'" 1 
ATOM   352 C "C1'" . G   B 2 5  ? -8.441  -3.167  -5.358  1.00 40.64 ? 5   G   B "C1'" 1 
ATOM   353 N N9    . G   B 2 5  ? -7.191  -3.710  -4.796  1.00 40.63 ? 5   G   B N9    1 
ATOM   354 C C8    . G   B 2 5  ? -5.900  -3.547  -5.244  1.00 38.87 ? 5   G   B C8    1 
ATOM   355 N N7    . G   B 2 5  ? -5.022  -4.178  -4.502  1.00 38.29 ? 5   G   B N7    1 
ATOM   356 C C5    . G   B 2 5  ? -5.782  -4.784  -3.500  1.00 40.79 ? 5   G   B C5    1 
ATOM   357 C C6    . G   B 2 5  ? -5.407  -5.608  -2.401  1.00 36.95 ? 5   G   B C6    1 
ATOM   358 O O6    . G   B 2 5  ? -4.277  -5.990  -2.071  1.00 39.25 ? 5   G   B O6    1 
ATOM   359 N N1    . G   B 2 5  ? -6.500  -5.998  -1.635  1.00 33.26 ? 5   G   B N1    1 
ATOM   360 C C2    . G   B 2 5  ? -7.806  -5.653  -1.898  1.00 39.21 ? 5   G   B C2    1 
ATOM   361 N N2    . G   B 2 5  ? -8.745  -6.130  -1.060  1.00 33.82 ? 5   G   B N2    1 
ATOM   362 N N3    . G   B 2 5  ? -8.169  -4.893  -2.923  1.00 38.43 ? 5   G   B N3    1 
ATOM   363 C C4    . G   B 2 5  ? -7.119  -4.498  -3.673  1.00 39.52 ? 5   G   B C4    1 
ATOM   364 P P     . C   B 2 6  ? -8.022  1.507   -4.223  1.00 46.34 ? 6   C   B P     1 
ATOM   365 O OP1   . C   B 2 6  ? -8.613  2.847   -4.424  1.00 56.39 ? 6   C   B OP1   1 
ATOM   366 O OP2   . C   B 2 6  ? -6.562  1.315   -4.390  1.00 42.61 ? 6   C   B OP2   1 
ATOM   367 O "O5'" . C   B 2 6  ? -8.338  1.050   -2.733  1.00 40.20 ? 6   C   B "O5'" 1 
ATOM   368 C "C5'" . C   B 2 6  ? -9.678  0.838   -2.328  1.00 43.45 ? 6   C   B "C5'" 1 
ATOM   369 C "C4'" . C   B 2 6  ? -9.770  -0.101  -1.157  1.00 38.77 ? 6   C   B "C4'" 1 
ATOM   370 O "O4'" . C   B 2 6  ? -9.254  -1.401  -1.534  1.00 40.41 ? 6   C   B "O4'" 1 
ATOM   371 C "C3'" . C   B 2 6  ? -8.952  0.257   0.075   1.00 42.73 ? 6   C   B "C3'" 1 
ATOM   372 O "O3'" . C   B 2 6  ? -9.517  1.291   0.863   1.00 41.74 ? 6   C   B "O3'" 1 
ATOM   373 C "C2'" . C   B 2 6  ? -8.866  -1.083  0.785   1.00 39.39 ? 6   C   B "C2'" 1 
ATOM   374 O "O2'" . C   B 2 6  ? -10.104 -1.410  1.392   1.00 38.77 ? 6   C   B "O2'" 1 
ATOM   375 C "C1'" . C   B 2 6  ? -8.671  -2.024  -0.405  1.00 41.55 ? 6   C   B "C1'" 1 
ATOM   376 N N1    . C   B 2 6  ? -7.231  -2.263  -0.662  1.00 39.63 ? 6   C   B N1    1 
ATOM   377 C C2    . C   B 2 6  ? -6.592  -3.217  0.147   1.00 39.05 ? 6   C   B C2    1 
ATOM   378 O O2    . C   B 2 6  ? -7.258  -3.830  0.999   1.00 36.30 ? 6   C   B O2    1 
ATOM   379 N N3    . C   B 2 6  ? -5.272  -3.460  -0.024  1.00 39.56 ? 6   C   B N3    1 
ATOM   380 C C4    . C   B 2 6  ? -4.602  -2.785  -0.950  1.00 39.18 ? 6   C   B C4    1 
ATOM   381 N N4    . C   B 2 6  ? -3.309  -3.069  -1.077  1.00 39.11 ? 6   C   B N4    1 
ATOM   382 C C5    . C   B 2 6  ? -5.217  -1.798  -1.774  1.00 35.32 ? 6   C   B C5    1 
ATOM   383 C C6    . C   B 2 6  ? -6.522  -1.569  -1.603  1.00 37.97 ? 6   C   B C6    1 
ATOM   384 P P     . C   B 2 7  ? -8.561  2.279   1.696   1.00 43.52 ? 7   C   B P     1 
ATOM   385 O OP1   . C   B 2 7  ? -9.494  3.296   2.243   1.00 55.38 ? 7   C   B OP1   1 
ATOM   386 O OP2   . C   B 2 7  ? -7.367  2.665   0.907   1.00 47.28 ? 7   C   B OP2   1 
ATOM   387 O "O5'" . C   B 2 7  ? -8.039  1.394   2.913   1.00 40.48 ? 7   C   B "O5'" 1 
ATOM   388 C "C5'" . C   B 2 7  ? -8.981  0.767   3.773   1.00 40.95 ? 7   C   B "C5'" 1 
ATOM   389 C "C4'" . C   B 2 7  ? -8.328  -0.182  4.740   1.00 41.28 ? 7   C   B "C4'" 1 
ATOM   390 O "O4'" . C   B 2 7  ? -7.724  -1.297  4.023   1.00 44.28 ? 7   C   B "O4'" 1 
ATOM   391 C "C3'" . C   B 2 7  ? -7.184  0.382   5.564   1.00 38.76 ? 7   C   B "C3'" 1 
ATOM   392 O "O3'" . C   B 2 7  ? -7.620  1.177   6.656   1.00 34.68 ? 7   C   B "O3'" 1 
ATOM   393 C "C2'" . C   B 2 7  ? -6.439  -0.878  5.978   1.00 37.53 ? 7   C   B "C2'" 1 
ATOM   394 O "O2'" . C   B 2 7  ? -7.135  -1.537  7.031   1.00 40.62 ? 7   C   B "O2'" 1 
ATOM   395 C "C1'" . C   B 2 7  ? -6.574  -1.734  4.711   1.00 37.89 ? 7   C   B "C1'" 1 
ATOM   396 N N1    . C   B 2 7  ? -5.417  -1.583  3.811   1.00 40.40 ? 7   C   B N1    1 
ATOM   397 C C2    . C   B 2 7  ? -4.229  -2.253  4.138   1.00 37.10 ? 7   C   B C2    1 
ATOM   398 O O2    . C   B 2 7  ? -4.208  -2.930  5.169   1.00 32.47 ? 7   C   B O2    1 
ATOM   399 N N3    . C   B 2 7  ? -3.147  -2.145  3.331   1.00 33.26 ? 7   C   B N3    1 
ATOM   400 C C4    . C   B 2 7  ? -3.237  -1.401  2.233   1.00 36.09 ? 7   C   B C4    1 
ATOM   401 N N4    . C   B 2 7  ? -2.151  -1.302  1.472   1.00 31.41 ? 7   C   B N4    1 
ATOM   402 C C5    . C   B 2 7  ? -4.438  -0.706  1.874   1.00 36.77 ? 7   C   B C5    1 
ATOM   403 C C6    . C   B 2 7  ? -5.499  -0.812  2.688   1.00 36.35 ? 7   C   B C6    1 
ATOM   404 P P     . U   B 2 8  ? -6.606  2.204   7.366   1.00 36.37 ? 8   U   B P     1 
ATOM   405 O OP1   . U   B 2 8  ? -7.413  2.956   8.351   1.00 35.96 ? 8   U   B OP1   1 
ATOM   406 O OP2   . U   B 2 8  ? -5.733  2.873   6.361   1.00 35.86 ? 8   U   B OP2   1 
ATOM   407 O "O5'" . U   B 2 8  ? -5.613  1.281   8.199   1.00 42.10 ? 8   U   B "O5'" 1 
ATOM   408 C "C5'" . U   B 2 8  ? -6.085  0.515   9.296   1.00 41.31 ? 8   U   B "C5'" 1 
ATOM   409 C "C4'" . U   B 2 8  ? -4.942  -0.153  10.010  1.00 40.21 ? 8   U   B "C4'" 1 
ATOM   410 O "O4'" . U   B 2 8  ? -4.428  -1.254  9.208   1.00 39.53 ? 8   U   B "O4'" 1 
ATOM   411 C "C3'" . U   B 2 8  ? -3.714  0.710   10.252  1.00 39.35 ? 8   U   B "C3'" 1 
ATOM   412 O "O3'" . U   B 2 8  ? -3.849  1.615   11.336  1.00 38.47 ? 8   U   B "O3'" 1 
ATOM   413 C "C2'" . U   B 2 8  ? -2.641  -0.339  10.464  1.00 41.77 ? 8   U   B "C2'" 1 
ATOM   414 O "O2'" . U   B 2 8  ? -2.803  -0.937  11.743  1.00 36.52 ? 8   U   B "O2'" 1 
ATOM   415 C "C1'" . U   B 2 8  ? -3.031  -1.363  9.395   1.00 39.13 ? 8   U   B "C1'" 1 
ATOM   416 N N1    . U   B 2 8  ? -2.343  -1.082  8.109   1.00 40.61 ? 8   U   B N1    1 
ATOM   417 C C2    . U   B 2 8  ? -1.032  -1.518  8.001   1.00 41.94 ? 8   U   B C2    1 
ATOM   418 O O2    . U   B 2 8  ? -0.493  -2.107  8.913   1.00 40.02 ? 8   U   B O2    1 
ATOM   419 N N3    . U   B 2 8  ? -0.377  -1.230  6.817   1.00 41.08 ? 8   U   B N3    1 
ATOM   420 C C4    . U   B 2 8  ? -0.925  -0.547  5.746   1.00 39.22 ? 8   U   B C4    1 
ATOM   421 O O4    . U   B 2 8  ? -0.247  -0.355  4.738   1.00 40.12 ? 8   U   B O4    1 
ATOM   422 C C5    . U   B 2 8  ? -2.286  -0.121  5.930   1.00 36.71 ? 8   U   B C5    1 
ATOM   423 C C6    . U   B 2 8  ? -2.936  -0.392  7.071   1.00 39.00 ? 8   U   B C6    1 
ATOM   424 P P     . G   B 2 9  ? -3.097  3.038   11.310  1.00 36.37 ? 9   G   B P     1 
ATOM   425 O OP1   . G   B 2 9  ? -3.490  3.732   12.564  1.00 47.83 ? 9   G   B OP1   1 
ATOM   426 O OP2   . G   B 2 9  ? -3.297  3.674   9.981   1.00 45.77 ? 9   G   B OP2   1 
ATOM   427 O "O5'" . G   B 2 9  ? -1.550  2.685   11.403  1.00 36.39 ? 9   G   B "O5'" 1 
ATOM   428 C "C5'" . G   B 2 9  ? -1.012  2.168   12.600  1.00 39.56 ? 9   G   B "C5'" 1 
ATOM   429 C "C4'" . G   B 2 9  ? 0.430   1.802   12.423  1.00 36.79 ? 9   G   B "C4'" 1 
ATOM   430 O "O4'" . G   B 2 9  ? 0.538   0.734   11.449  1.00 41.17 ? 9   G   B "O4'" 1 
ATOM   431 C "C3'" . G   B 2 9  ? 1.320   2.883   11.846  1.00 41.17 ? 9   G   B "C3'" 1 
ATOM   432 O "O3'" . G   B 2 9  ? 1.688   3.892   12.767  1.00 41.71 ? 9   G   B "O3'" 1 
ATOM   433 C "C2'" . G   B 2 9  ? 2.487   2.067   11.317  1.00 36.30 ? 9   G   B "C2'" 1 
ATOM   434 O "O2'" . G   B 2 9  ? 3.293   1.622   12.388  1.00 39.24 ? 9   G   B "O2'" 1 
ATOM   435 C "C1'" . G   B 2 9  ? 1.748   0.868   10.730  1.00 33.82 ? 9   G   B "C1'" 1 
ATOM   436 N N9    . G   B 2 9  ? 1.427   1.149   9.328   1.00 37.54 ? 9   G   B N9    1 
ATOM   437 C C8    . G   B 2 9  ? 0.235   1.587   8.815   1.00 40.53 ? 9   G   B C8    1 
ATOM   438 N N7    . G   B 2 9  ? 0.310   1.809   7.531   1.00 39.83 ? 9   G   B N7    1 
ATOM   439 C C5    . G   B 2 9  ? 1.622   1.519   7.190   1.00 38.10 ? 9   G   B C5    1 
ATOM   440 C C6    . G   B 2 9  ? 2.282   1.586   5.936   1.00 37.03 ? 9   G   B C6    1 
ATOM   441 O O6    . G   B 2 9  ? 1.770   1.915   4.852   1.00 33.33 ? 9   G   B O6    1 
ATOM   442 N N1    . G   B 2 9  ? 3.629   1.198   6.051   1.00 35.79 ? 9   G   B N1    1 
ATOM   443 C C2    . G   B 2 9  ? 4.231   0.809   7.236   1.00 34.84 ? 9   G   B C2    1 
ATOM   444 N N2    . G   B 2 9  ? 5.524   0.460   7.235   1.00 37.02 ? 9   G   B N2    1 
ATOM   445 N N3    . G   B 2 9  ? 3.617   0.760   8.391   1.00 34.54 ? 9   G   B N3    1 
ATOM   446 C C4    . G   B 2 9  ? 2.326   1.118   8.297   1.00 36.34 ? 9   G   B C4    1 
ATOM   447 P P     . G   B 2 10 ? 2.132   5.344   12.220  1.00 39.07 ? 10  G   B P     1 
ATOM   448 O OP1   . G   B 2 10 ? 2.388   6.252   13.379  1.00 42.24 ? 10  G   B OP1   1 
ATOM   449 O OP2   . G   B 2 10 ? 1.184   5.730   11.152  1.00 39.73 ? 10  G   B OP2   1 
ATOM   450 O "O5'" . G   B 2 10 ? 3.518   5.084   11.481  1.00 40.45 ? 10  G   B "O5'" 1 
ATOM   451 C "C5'" . G   B 2 10 ? 4.691   4.791   12.215  1.00 38.19 ? 10  G   B "C5'" 1 
ATOM   452 C "C4'" . G   B 2 10 ? 5.847   4.543   11.290  1.00 38.53 ? 10  G   B "C4'" 1 
ATOM   453 O "O4'" . G   B 2 10 ? 5.480   3.548   10.301  1.00 43.51 ? 10  G   B "O4'" 1 
ATOM   454 C "C3'" . G   B 2 10 ? 6.290   5.719   10.450  1.00 41.89 ? 10  G   B "C3'" 1 
ATOM   455 O "O3'" . G   B 2 10 ? 7.077   6.657   11.163  1.00 38.05 ? 10  G   B "O3'" 1 
ATOM   456 C "C2'" . G   B 2 10 ? 7.035   5.028   9.322   1.00 40.23 ? 10  G   B "C2'" 1 
ATOM   457 O "O2'" . G   B 2 10 ? 8.283   4.548   9.794   1.00 41.79 ? 10  G   B "O2'" 1 
ATOM   458 C "C1'" . G   B 2 10 ? 6.141   3.820   9.086   1.00 36.70 ? 10  G   B "C1'" 1 
ATOM   459 N N9    . G   B 2 10 ? 5.139   4.085   8.036   1.00 38.57 ? 10  G   B N9    1 
ATOM   460 C C8    . G   B 2 10 ? 3.788   4.291   8.172   1.00 36.59 ? 10  G   B C8    1 
ATOM   461 N N7    . G   B 2 10 ? 3.204   4.501   7.022   1.00 38.24 ? 10  G   B N7    1 
ATOM   462 C C5    . G   B 2 10 ? 4.224   4.444   6.073   1.00 35.15 ? 10  G   B C5    1 
ATOM   463 C C6    . G   B 2 10 ? 4.213   4.597   4.651   1.00 34.09 ? 10  G   B C6    1 
ATOM   464 O O6    . G   B 2 10 ? 3.246   4.819   3.893   1.00 30.18 ? 10  G   B O6    1 
ATOM   465 N N1    . G   B 2 10 ? 5.487   4.456   4.108   1.00 30.16 ? 10  G   B N1    1 
ATOM   466 C C2    . G   B 2 10 ? 6.624   4.191   4.820   1.00 35.22 ? 10  G   B C2    1 
ATOM   467 N N2    . G   B 2 10 ? 7.765   4.076   4.132   1.00 32.21 ? 10  G   B N2    1 
ATOM   468 N N3    . G   B 2 10 ? 6.642   4.046   6.136   1.00 39.66 ? 10  G   B N3    1 
ATOM   469 C C4    . G   B 2 10 ? 5.421   4.187   6.693   1.00 36.36 ? 10  G   B C4    1 
ATOM   470 P P     . A   B 2 11 ? 7.220   8.156   10.604  1.00 42.08 ? 11  A   B P     1 
ATOM   471 O OP1   . A   B 2 11 ? 7.959   8.962   11.604  1.00 37.38 ? 11  A   B OP1   1 
ATOM   472 O OP2   . A   B 2 11 ? 5.871   8.574   10.148  1.00 39.37 ? 11  A   B OP2   1 
ATOM   473 O "O5'" . A   B 2 11 ? 8.163   8.013   9.320   1.00 41.35 ? 11  A   B "O5'" 1 
ATOM   474 C "C5'" . A   B 2 11 ? 9.509   7.562   9.435   1.00 36.92 ? 11  A   B "C5'" 1 
ATOM   475 C "C4'" . A   B 2 11 ? 10.267  7.815   8.157   1.00 42.70 ? 11  A   B "C4'" 1 
ATOM   476 O "O4'" . A   B 2 11 ? 9.824   6.907   7.115   1.00 37.53 ? 11  A   B "O4'" 1 
ATOM   477 C "C3'" . A   B 2 11 ? 10.053  9.194   7.569   1.00 36.76 ? 11  A   B "C3'" 1 
ATOM   478 O "O3'" . A   B 2 11 ? 10.904  10.150  8.149   1.00 40.94 ? 11  A   B "O3'" 1 
ATOM   479 C "C2'" . A   B 2 11 ? 10.306  8.986   6.088   1.00 40.11 ? 11  A   B "C2'" 1 
ATOM   480 O "O2'" . A   B 2 11 ? 11.699  8.956   5.804   1.00 38.05 ? 11  A   B "O2'" 1 
ATOM   481 C "C1'" . A   B 2 11 ? 9.741   7.589   5.883   1.00 39.02 ? 11  A   B "C1'" 1 
ATOM   482 N N9    . A   B 2 11 ? 8.323   7.613   5.471   1.00 40.91 ? 11  A   B N9    1 
ATOM   483 C C8    . A   B 2 11 ? 7.216   7.520   6.288   1.00 36.27 ? 11  A   B C8    1 
ATOM   484 N N7    . A   B 2 11 ? 6.074   7.534   5.635   1.00 35.87 ? 11  A   B N7    1 
ATOM   485 C C5    . A   B 2 11 ? 6.465   7.639   4.303   1.00 37.83 ? 11  A   B C5    1 
ATOM   486 C C6    . A   B 2 11 ? 5.729   7.703   3.114   1.00 36.42 ? 11  A   B C6    1 
ATOM   487 N N6    . A   B 2 11 ? 4.398   7.669   3.109   1.00 30.30 ? 11  A   B N6    1 
ATOM   488 N N1    . A   B 2 11 ? 6.405   7.813   1.944   1.00 33.68 ? 11  A   B N1    1 
ATOM   489 C C2    . A   B 2 11 ? 7.741   7.849   1.981   1.00 34.85 ? 11  A   B C2    1 
ATOM   490 N N3    . A   B 2 11 ? 8.547   7.800   3.040   1.00 36.20 ? 11  A   B N3    1 
ATOM   491 C C4    . A   B 2 11 ? 7.841   7.695   4.180   1.00 36.59 ? 11  A   B C4    1 
ATOM   492 P P     . G   B 2 12 ? 10.444  11.677  8.206   1.00 44.08 ? 12  G   B P     1 
ATOM   493 O OP1   . G   B 2 12 ? 11.439  12.366  9.077   1.00 46.09 ? 12  G   B OP1   1 
ATOM   494 O OP2   . G   B 2 12 ? 8.965   11.753  8.393   1.00 34.54 ? 12  G   B OP2   1 
ATOM   495 O "O5'" . G   B 2 12 ? 10.712  12.198  6.730   1.00 47.13 ? 12  G   B "O5'" 1 
ATOM   496 C "C5'" . G   B 2 12 ? 9.705   12.891  6.016   1.00 42.02 ? 12  G   B "C5'" 1 
ATOM   497 C "C4'" . G   B 2 12 ? 9.897   12.719  4.534   1.00 40.79 ? 12  G   B "C4'" 1 
ATOM   498 O "O4'" . G   B 2 12 ? 9.427   11.407  4.132   1.00 39.14 ? 12  G   B "O4'" 1 
ATOM   499 C "C3'" . G   B 2 12 ? 9.121   13.678  3.653   1.00 35.50 ? 12  G   B "C3'" 1 
ATOM   500 O "O3'" . G   B 2 12 ? 9.779   14.922  3.508   1.00 40.78 ? 12  G   B "O3'" 1 
ATOM   501 C "C2'" . G   B 2 12 ? 9.008   12.906  2.353   1.00 37.85 ? 12  G   B "C2'" 1 
ATOM   502 O "O2'" . G   B 2 12 ? 10.242  12.964  1.646   1.00 34.46 ? 12  G   B "O2'" 1 
ATOM   503 C "C1'" . G   B 2 12 ? 8.789   11.490  2.879   1.00 35.50 ? 12  G   B "C1'" 1 
ATOM   504 N N9    . G   B 2 12 ? 7.368   11.246  3.117   1.00 36.57 ? 12  G   B N9    1 
ATOM   505 C C8    . G   B 2 12 ? 6.747   11.115  4.339   1.00 32.37 ? 12  G   B C8    1 
ATOM   506 N N7    . G   B 2 12 ? 5.459   10.937  4.225   1.00 31.17 ? 12  G   B N7    1 
ATOM   507 C C5    . G   B 2 12 ? 5.223   10.949  2.858   1.00 32.48 ? 12  G   B C5    1 
ATOM   508 C C6    . G   B 2 12 ? 4.023   10.799  2.128   1.00 32.24 ? 12  G   B C6    1 
ATOM   509 O O6    . G   B 2 12 ? 2.882   10.620  2.563   1.00 36.72 ? 12  G   B O6    1 
ATOM   510 N N1    . G   B 2 12 ? 4.246   10.870  0.756   1.00 34.26 ? 12  G   B N1    1 
ATOM   511 C C2    . G   B 2 12 ? 5.468   11.069  0.161   1.00 33.92 ? 12  G   B C2    1 
ATOM   512 N N2    . G   B 2 12 ? 5.492   11.118  -1.178  1.00 33.18 ? 12  G   B N2    1 
ATOM   513 N N3    . G   B 2 12 ? 6.593   11.218  0.834   1.00 32.06 ? 12  G   B N3    1 
ATOM   514 C C4    . G   B 2 12 ? 6.395   11.140  2.160   1.00 35.24 ? 12  G   B C4    1 
ATOM   515 P P     . A   B 2 13 ? 8.922   16.263  3.287   1.00 39.17 ? 13  A   B P     1 
ATOM   516 O OP1   . A   B 2 13 ? 9.907   17.365  3.436   1.00 45.86 ? 13  A   B OP1   1 
ATOM   517 O OP2   . A   B 2 13 ? 7.648   16.211  4.049   1.00 37.30 ? 13  A   B OP2   1 
ATOM   518 O "O5'" . A   B 2 13 ? 8.445   16.168  1.781   1.00 40.72 ? 13  A   B "O5'" 1 
ATOM   519 C "C5'" . A   B 2 13 ? 9.370   16.210  0.709   1.00 39.17 ? 13  A   B "C5'" 1 
ATOM   520 C "C4'" . A   B 2 13 ? 8.621   16.316  -0.591  1.00 41.98 ? 13  A   B "C4'" 1 
ATOM   521 O "O4'" . A   B 2 13 ? 7.974   15.048  -0.873  1.00 38.34 ? 13  A   B "O4'" 1 
ATOM   522 C "C3'" . A   B 2 13 ? 7.472   17.314  -0.611  1.00 37.40 ? 13  A   B "C3'" 1 
ATOM   523 O "O3'" . A   B 2 13 ? 7.892   18.656  -0.806  1.00 38.33 ? 13  A   B "O3'" 1 
ATOM   524 C "C2'" . A   B 2 13 ? 6.602   16.764  -1.727  1.00 38.66 ? 13  A   B "C2'" 1 
ATOM   525 O "O2'" . A   B 2 13 ? 7.213   17.001  -2.986  1.00 42.49 ? 13  A   B "O2'" 1 
ATOM   526 C "C1'" . A   B 2 13 ? 6.705   15.275  -1.446  1.00 39.08 ? 13  A   B "C1'" 1 
ATOM   527 N N9    . A   B 2 13 ? 5.692   14.844  -0.470  1.00 37.97 ? 13  A   B N9    1 
ATOM   528 C C8    . A   B 2 13 ? 5.890   14.605  0.870   1.00 36.47 ? 13  A   B C8    1 
ATOM   529 N N7    . A   B 2 13 ? 4.812   14.229  1.502   1.00 36.77 ? 13  A   B N7    1 
ATOM   530 C C5    . A   B 2 13 ? 3.829   14.230  0.517   1.00 37.26 ? 13  A   B C5    1 
ATOM   531 C C6    . A   B 2 13 ? 2.457   13.938  0.546   1.00 34.31 ? 13  A   B C6    1 
ATOM   532 N N6    . A   B 2 13 ? 1.807   13.559  1.635   1.00 39.81 ? 13  A   B N6    1 
ATOM   533 N N1    . A   B 2 13 ? 1.756   14.032  -0.601  1.00 38.31 ? 13  A   B N1    1 
ATOM   534 C C2    . A   B 2 13 ? 2.405   14.417  -1.712  1.00 39.16 ? 13  A   B C2    1 
ATOM   535 N N3    . A   B 2 13 ? 3.693   14.727  -1.874  1.00 41.60 ? 13  A   B N3    1 
ATOM   536 C C4    . A   B 2 13 ? 4.360   14.611  -0.706  1.00 39.80 ? 13  A   B C4    1 
ATOM   537 P P     . C   B 2 14 ? 7.124   19.880  -0.095  1.00 41.69 ? 14  C   B P     1 
ATOM   538 O OP1   . C   B 2 14 ? 7.891   21.098  -0.443  1.00 43.87 ? 14  C   B OP1   1 
ATOM   539 O OP2   . C   B 2 14 ? 6.865   19.592  1.341   1.00 40.06 ? 14  C   B OP2   1 
ATOM   540 O "O5'" . C   B 2 14 ? 5.714   19.923  -0.830  1.00 34.64 ? 14  C   B "O5'" 1 
ATOM   541 C "C5'" . C   B 2 14 ? 5.651   20.020  -2.243  1.00 32.07 ? 14  C   B "C5'" 1 
ATOM   542 C "C4'" . C   B 2 14 ? 4.239   19.875  -2.745  1.00 34.17 ? 14  C   B "C4'" 1 
ATOM   543 O "O4'" . C   B 2 14 ? 3.734   18.553  -2.448  1.00 36.06 ? 14  C   B "O4'" 1 
ATOM   544 C "C3'" . C   B 2 14 ? 3.206   20.790  -2.120  1.00 34.35 ? 14  C   B "C3'" 1 
ATOM   545 O "O3'" . C   B 2 14 ? 3.271   22.104  -2.632  1.00 37.65 ? 14  C   B "O3'" 1 
ATOM   546 C "C2'" . C   B 2 14 ? 1.898   20.068  -2.427  1.00 33.24 ? 14  C   B "C2'" 1 
ATOM   547 O "O2'" . C   B 2 14 ? 1.497   20.299  -3.761  1.00 31.52 ? 14  C   B "O2'" 1 
ATOM   548 C "C1'" . C   B 2 14 ? 2.323   18.601  -2.310  1.00 34.56 ? 14  C   B "C1'" 1 
ATOM   549 N N1    . C   B 2 14 ? 1.926   18.001  -1.012  1.00 32.44 ? 14  C   B N1    1 
ATOM   550 C C2    . C   B 2 14 ? 0.598   17.618  -0.805  1.00 38.15 ? 14  C   B C2    1 
ATOM   551 O O2    . C   B 2 14 ? -0.234  17.781  -1.715  1.00 42.19 ? 14  C   B O2    1 
ATOM   552 N N3    . C   B 2 14 ? 0.238   17.081  0.383   1.00 35.58 ? 14  C   B N3    1 
ATOM   553 C C4    . C   B 2 14 ? 1.141   16.925  1.345   1.00 36.57 ? 14  C   B C4    1 
ATOM   554 N N4    . C   B 2 14 ? 0.741   16.397  2.509   1.00 38.19 ? 14  C   B N4    1 
ATOM   555 C C5    . C   B 2 14 ? 2.499   17.307  1.165   1.00 37.42 ? 14  C   B C5    1 
ATOM   556 C C6    . C   B 2 14 ? 2.842   17.836  -0.012  1.00 37.30 ? 14  C   B C6    1 
HETATM 557 O O     . HOH C 3 .  ? 0.856   6.786   1.273   1.00 28.64 ? 101 HOH A O     1 
HETATM 558 O O     . HOH C 3 .  ? 10.783  4.229   2.080   1.00 31.12 ? 102 HOH A O     1 
HETATM 559 O O     . HOH C 3 .  ? -4.108  -13.355 -2.763  1.00 41.00 ? 103 HOH A O     1 
HETATM 560 O O     . HOH C 3 .  ? -6.248  -16.619 -3.946  1.00 42.09 ? 104 HOH A O     1 
HETATM 561 O O     . HOH D 3 .  ? 0.655   -5.729  -7.930  1.00 38.88 ? 101 HOH B O     1 
HETATM 562 O O     . HOH D 3 .  ? 1.072   -11.266 -13.465 1.00 33.45 ? 102 HOH B O     1 
HETATM 563 O O     . HOH D 3 .  ? 12.859  9.963   3.627   1.00 38.34 ? 103 HOH B O     1 
HETATM 564 O O     . HOH D 3 .  ? -2.446  -3.699  -4.991  1.00 38.37 ? 104 HOH B O     1 
HETATM 565 O O     . HOH D 3 .  ? 9.568   -14.338 -3.249  1.00 47.92 ? 105 HOH B O     1 
HETATM 566 O O     . HOH D 3 .  ? 9.254   3.081   7.621   1.00 41.77 ? 106 HOH B O     1 
HETATM 567 O O     . HOH D 3 .  ? -1.547  -5.792  -2.694  1.00 32.98 ? 107 HOH B O     1 
HETATM 568 O O     . HOH D 3 .  ? 12.629  14.399  2.094   1.00 38.25 ? 108 HOH B O     1 
HETATM 569 O O     . HOH D 3 .  ? 0.521   4.209   3.448   1.00 37.66 ? 109 HOH B O     1 
HETATM 570 O O     . HOH D 3 .  ? -1.009  5.066   8.999   1.00 35.28 ? 110 HOH B O     1 
HETATM 571 O O     . HOH D 3 .  ? 5.690   0.086   11.283  1.00 43.63 ? 111 HOH B O     1 
HETATM 572 O O     . HOH D 3 .  ? -1.800  -11.415 -13.245 1.00 34.21 ? 112 HOH B O     1 
HETATM 573 O O     . HOH D 3 .  ? -1.685  -1.574  -3.272  1.00 43.02 ? 113 HOH B O     1 
HETATM 574 O O     . HOH D 3 .  ? 11.083  3.831   5.119   1.00 36.37 ? 114 HOH B O     1 
HETATM 575 O O     . HOH D 3 .  ? 12.969  5.535   6.410   1.00 44.35 ? 115 HOH B O     1 
HETATM 576 O O     . HOH D 3 .  ? -3.581  -9.589  -14.914 1.00 40.52 ? 116 HOH B O     1 
HETATM 577 O O     . HOH D 3 .  ? 0.537   -4.893  -5.118  1.00 43.73 ? 117 HOH B O     1 
# 
